data_6LEM
#
_entry.id   6LEM
#
_cell.length_a   168.361
_cell.length_b   76.404
_cell.length_c   126.400
_cell.angle_alpha   90.000
_cell.angle_beta   124.970
_cell.angle_gamma   90.000
#
_symmetry.space_group_name_H-M   'C 1 2 1'
#
loop_
_entity.id
_entity.type
_entity.pdbx_description
1 polymer Beta-D-glucuronidase
2 polymer Beta-D-glucuronidase
3 non-polymer '(2~{S},3~{S},4~{R},5~{R})-2-nonyl-4,5-bis(oxidanyl)piperidine-3-carboxylic acid'
#
loop_
_entity_poly.entity_id
_entity_poly.type
_entity_poly.pdbx_seq_one_letter_code
_entity_poly.pdbx_strand_id
1 'polypeptide(L)'
;SHMLRPVETPTREIKKLDGLWAFSLDRENCGIDQRWWESALQESRAIAVPGSFNDQFADADIRNYAGNVWYQREVFIPKG
WAGQRIVLRFDAVTHYGKVWVNNQEVMEHQGGYTPFEADVTPYVIAGKSVRITVCVNNELNWQTIPPGMVITDENGKKKQ
SYFHDFFNYAGIHRSVMLYTTPNTWVDDITVVTHVAQDCNHASVDWQVVANGDVSVELRDADQQVVATGQGTSGTLQVVN
PHLWQPGEGYLYELCVTAKSQTECDIYPLRVGIRSVAVKGEQFLINHKPFYFTGFGRHEDADLRGKGFDNVLMVHDHALM
DWIGANSYRTSHYPYAEEMLDWADEHGIVVIDETAAVGFNLSLGIGFEAGNKPKELYSEEAVNGETQQAHLQAIKELIAR
DKNHPSVVMWSIANEPDTRPQGAREYFAPLAEATRKLDPTRPITCVNVMFCDAHTDTISDLFDVLCLNRYYGWYVQSGDL
ETAEKVLEKELLAWQEKLHQPIIITEYGVDTLAGLHSMYTDMWSEEYQCAWLDMYHRVFDRVSAVVGEQVWNFADFATSQ
GILRVGGNKKGIFTRDRKPKSAAFLLQKRWTGMNFGEKPQQGGKQ
;
A
2 'polypeptide(L)'
;RPVETPTREIKKLDGLWAFSLDRENCGIDQRWWESALQESRAIAVPGSFNDQFADADIRNYAGNVWYQREVFIPKGWAGQ
RIVLRFDAVTHYGKVWVNNQEVMEHQGGYTPFEADVTPYVIAGKSVRITVCVNNELNWQTIPPGMVITDENGKKKQSYFH
DFFNYAGIHRSVMLYTTPNTWVDDITVVTHVAQDCNHASVDWQVVANGDVSVELRDADQQVVATGQGTSGTLQVVNPHLW
QPGEGYLYELCVTAKSQTECDIYPLRVGIRSVAVKGEQFLINHKPFYFTGFGRHEDADLRGKGFDNVLMVHDHALMDWIG
ANSYRTSHYPYAEEMLDWADEHGIVVIDETAAVGFNLSLGIGFEAGNKPKELYSEEAVNGETQQAHLQAIKELIARDKNH
PSVVMWSIANEPDTRPQGAREYFAPLAEATRKLDPTRPITCVNVMFCDAHTDTISDLFDVLCLNRYYGWYVQSGDLETAE
KVLEKELLAWQEKLHQPIIITEYGVDTLAGLHSMYTDMWSEEYQCAWLDMYHRVFDRVSAVVGEQVWNFADFATSQGILR
VGGNKKGIFTRDRKPKSAAFLLQKRWTGMNFGEKPQQGGKQ
;
B
#
loop_
_chem_comp.id
_chem_comp.type
_chem_comp.name
_chem_comp.formula
E9O non-polymer '(2~{S},3~{S},4~{R},5~{R})-2-nonyl-4,5-bis(oxidanyl)piperidine-3-carboxylic acid' 'C15 H29 N O4'
#
# COMPACT_ATOMS: atom_id res chain seq x y z
N SER A 1 30.10 3.26 -3.57
CA SER A 1 30.39 4.35 -4.50
C SER A 1 29.72 5.65 -4.06
N HIS A 2 29.14 6.35 -5.03
CA HIS A 2 28.40 7.58 -4.78
C HIS A 2 26.92 7.33 -5.01
N MET A 3 26.08 8.00 -4.21
CA MET A 3 24.64 7.77 -4.22
C MET A 3 23.90 9.10 -4.32
N LEU A 4 23.19 9.29 -5.43
CA LEU A 4 22.31 10.44 -5.63
C LEU A 4 20.91 9.92 -5.89
N ARG A 5 19.93 10.45 -5.17
CA ARG A 5 18.55 10.06 -5.43
C ARG A 5 18.11 10.66 -6.77
N PRO A 6 17.52 9.86 -7.66
CA PRO A 6 17.10 10.41 -8.95
C PRO A 6 15.85 11.27 -8.81
N VAL A 7 15.75 12.26 -9.71
CA VAL A 7 14.61 13.18 -9.73
C VAL A 7 14.37 13.61 -11.18
N GLU A 8 13.12 13.86 -11.52
CA GLU A 8 12.74 14.22 -12.88
C GLU A 8 13.13 15.67 -13.18
N THR A 9 13.85 15.85 -14.28
CA THR A 9 14.26 17.12 -14.87
C THR A 9 14.38 16.84 -16.37
N PRO A 10 15.31 17.47 -17.13
CA PRO A 10 15.83 16.77 -18.31
C PRO A 10 16.56 15.47 -17.96
N THR A 11 15.89 14.68 -17.11
CA THR A 11 16.27 13.35 -16.67
C THR A 11 14.98 12.55 -16.57
N ARG A 12 15.07 11.22 -16.61
CA ARG A 12 13.82 10.48 -16.72
C ARG A 12 13.86 9.20 -15.89
N GLU A 13 12.69 8.81 -15.38
CA GLU A 13 12.52 7.57 -14.63
C GLU A 13 11.37 6.76 -15.23
N ILE A 14 11.61 5.48 -15.43
CA ILE A 14 10.55 4.52 -15.68
C ILE A 14 10.42 3.69 -14.40
N LYS A 15 9.34 3.92 -13.66
CA LYS A 15 9.11 3.20 -12.43
C LYS A 15 8.81 1.73 -12.72
N LYS A 16 9.83 0.90 -12.66
CA LYS A 16 9.64 -0.54 -12.72
C LYS A 16 9.15 -1.09 -11.39
N LEU A 17 8.91 -0.16 -10.45
CA LEU A 17 8.31 -0.47 -9.16
C LEU A 17 6.96 -1.17 -9.30
N ASP A 18 6.43 -1.28 -10.53
CA ASP A 18 5.21 -2.01 -10.81
C ASP A 18 5.18 -3.35 -10.07
N GLY A 19 4.06 -3.63 -9.44
CA GLY A 19 3.88 -4.91 -8.79
C GLY A 19 3.73 -6.03 -9.81
N LEU A 20 3.36 -7.20 -9.28
CA LEU A 20 3.14 -8.40 -10.08
C LEU A 20 4.41 -8.79 -10.84
N TRP A 21 5.37 -9.27 -10.06
CA TRP A 21 6.53 -9.97 -10.58
C TRP A 21 6.33 -11.47 -10.42
N ALA A 22 7.16 -12.24 -11.11
CA ALA A 22 7.13 -13.69 -10.97
C ALA A 22 8.03 -14.09 -9.81
N PHE A 23 7.49 -14.87 -8.89
CA PHE A 23 8.16 -15.22 -7.65
C PHE A 23 8.22 -16.74 -7.51
N SER A 24 9.38 -17.25 -7.10
CA SER A 24 9.50 -18.68 -6.83
C SER A 24 10.56 -18.89 -5.75
N LEU A 25 10.50 -20.05 -5.11
CA LEU A 25 11.45 -20.43 -4.08
C LEU A 25 12.52 -21.35 -4.65
N ASP A 26 13.65 -21.45 -3.94
CA ASP A 26 14.75 -22.34 -4.31
C ASP A 26 15.12 -23.15 -3.07
N ARG A 27 14.28 -24.12 -2.72
CA ARG A 27 14.52 -24.94 -1.53
C ARG A 27 15.64 -25.97 -1.75
N GLU A 28 16.25 -26.01 -2.94
CA GLU A 28 17.29 -26.99 -3.24
C GLU A 28 18.57 -26.34 -3.76
N ASN A 29 18.62 -25.02 -3.85
CA ASN A 29 19.78 -24.28 -4.40
C ASN A 29 20.19 -24.84 -5.76
N CYS A 30 19.20 -25.10 -6.61
CA CYS A 30 19.46 -25.44 -8.00
C CYS A 30 19.43 -24.22 -8.90
N GLY A 31 19.05 -23.05 -8.37
CA GLY A 31 18.90 -21.88 -9.21
C GLY A 31 20.21 -21.40 -9.81
N ILE A 32 21.23 -21.23 -8.98
CA ILE A 32 22.53 -20.79 -9.50
C ILE A 32 23.14 -21.86 -10.40
N ASP A 33 22.89 -23.14 -10.10
CA ASP A 33 23.42 -24.21 -10.92
C ASP A 33 22.67 -24.34 -12.24
N GLN A 34 21.34 -24.45 -12.17
CA GLN A 34 20.52 -24.72 -13.35
C GLN A 34 20.23 -23.48 -14.18
N ARG A 35 20.93 -22.38 -13.95
CA ARG A 35 20.83 -21.19 -14.79
C ARG A 35 19.38 -20.72 -14.94
N TRP A 36 18.78 -20.28 -13.84
CA TRP A 36 17.41 -19.80 -13.91
C TRP A 36 17.31 -18.44 -14.58
N TRP A 37 18.43 -17.76 -14.77
CA TRP A 37 18.41 -16.44 -15.41
C TRP A 37 17.95 -16.54 -16.85
N GLU A 38 18.13 -17.72 -17.46
CA GLU A 38 18.03 -17.87 -18.91
C GLU A 38 16.68 -17.39 -19.44
N SER A 39 15.59 -17.91 -18.90
CA SER A 39 14.29 -17.66 -19.51
C SER A 39 13.14 -17.63 -18.53
N ALA A 40 12.45 -18.76 -18.40
CA ALA A 40 11.13 -18.79 -17.81
C ALA A 40 11.18 -18.66 -16.30
N LEU A 41 10.00 -18.66 -15.70
CA LEU A 41 9.83 -18.59 -14.26
C LEU A 41 9.69 -19.95 -13.60
N GLN A 42 9.73 -21.04 -14.40
CA GLN A 42 9.48 -22.39 -13.93
C GLN A 42 8.12 -22.49 -13.25
N GLU A 43 8.07 -22.59 -11.92
CA GLU A 43 6.77 -22.79 -11.29
C GLU A 43 6.44 -21.60 -10.40
N SER A 44 6.42 -20.40 -10.98
CA SER A 44 6.34 -19.17 -10.20
C SER A 44 4.90 -18.83 -9.86
N ARG A 45 4.71 -17.65 -9.28
CA ARG A 45 3.38 -17.13 -8.98
C ARG A 45 3.51 -15.62 -8.85
N ALA A 46 2.37 -14.94 -8.83
CA ALA A 46 2.38 -13.48 -8.80
C ALA A 46 2.75 -12.98 -7.41
N ILE A 47 3.70 -12.04 -7.37
CA ILE A 47 4.05 -11.32 -6.15
C ILE A 47 3.99 -9.83 -6.47
N ALA A 48 4.06 -9.02 -5.42
CA ALA A 48 3.94 -7.58 -5.56
C ALA A 48 5.18 -6.90 -4.97
N VAL A 49 5.78 -6.00 -5.75
CA VAL A 49 6.87 -5.17 -5.24
C VAL A 49 6.40 -3.71 -5.27
N PRO A 50 6.77 -2.90 -4.28
CA PRO A 50 7.54 -3.29 -3.10
C PRO A 50 6.70 -4.05 -2.07
N GLY A 51 7.35 -4.92 -1.29
CA GLY A 51 6.65 -5.71 -0.29
C GLY A 51 7.40 -6.96 0.11
N SER A 52 7.32 -7.32 1.39
CA SER A 52 7.98 -8.52 1.88
C SER A 52 7.23 -9.77 1.43
N PHE A 53 7.99 -10.78 1.01
CA PHE A 53 7.41 -12.01 0.49
C PHE A 53 6.96 -12.96 1.59
N ASN A 54 7.23 -12.65 2.85
CA ASN A 54 6.91 -13.57 3.94
C ASN A 54 5.41 -13.60 4.23
N ASP A 55 4.81 -12.44 4.41
CA ASP A 55 3.40 -12.36 4.81
C ASP A 55 2.45 -12.24 3.63
N GLN A 56 2.94 -12.26 2.39
CA GLN A 56 2.11 -11.92 1.24
C GLN A 56 1.24 -13.07 0.73
N PHE A 57 1.47 -14.31 1.17
CA PHE A 57 0.73 -15.44 0.66
C PHE A 57 0.02 -16.24 1.75
N ALA A 58 0.06 -15.77 3.00
CA ALA A 58 -0.59 -16.44 4.13
C ALA A 58 -0.13 -17.89 4.29
N ASP A 59 1.06 -18.22 3.79
CA ASP A 59 1.64 -19.54 3.94
C ASP A 59 2.78 -19.45 4.94
N ALA A 60 2.65 -20.19 6.05
CA ALA A 60 3.70 -20.17 7.07
C ALA A 60 5.01 -20.73 6.51
N ASP A 61 4.94 -21.78 5.71
CA ASP A 61 6.15 -22.40 5.17
C ASP A 61 6.95 -21.44 4.30
N ILE A 62 6.29 -20.43 3.72
CA ILE A 62 7.02 -19.43 2.94
C ILE A 62 7.65 -18.39 3.86
N ARG A 63 6.93 -17.97 4.90
CA ARG A 63 7.39 -16.86 5.73
C ARG A 63 8.64 -17.22 6.53
N ASN A 64 8.80 -18.49 6.91
CA ASN A 64 9.99 -18.91 7.63
C ASN A 64 11.07 -19.48 6.71
N TYR A 65 10.81 -19.55 5.40
CA TYR A 65 11.79 -20.10 4.47
C TYR A 65 13.09 -19.32 4.55
N ALA A 66 14.19 -20.05 4.66
CA ALA A 66 15.53 -19.46 4.74
C ALA A 66 16.34 -19.98 3.57
N GLY A 67 16.66 -19.11 2.62
CA GLY A 67 17.41 -19.52 1.46
C GLY A 67 17.42 -18.52 0.32
N ASN A 68 17.03 -18.96 -0.87
CA ASN A 68 17.06 -18.14 -2.08
C ASN A 68 15.67 -18.04 -2.67
N VAL A 69 15.25 -16.82 -2.96
CA VAL A 69 14.01 -16.57 -3.68
C VAL A 69 14.35 -15.89 -5.00
N TRP A 70 13.51 -16.12 -6.00
CA TRP A 70 13.73 -15.62 -7.35
C TRP A 70 12.58 -14.74 -7.78
N TYR A 71 12.89 -13.47 -8.06
CA TYR A 71 12.00 -12.49 -8.66
C TYR A 71 12.27 -12.42 -10.16
N GLN A 72 11.26 -12.00 -10.91
CA GLN A 72 11.29 -12.08 -12.36
C GLN A 72 10.37 -11.01 -12.95
N ARG A 73 10.85 -10.33 -14.00
CA ARG A 73 10.06 -9.25 -14.58
C ARG A 73 10.54 -8.85 -15.97
N GLU A 74 9.66 -8.93 -16.96
CA GLU A 74 9.95 -8.41 -18.30
C GLU A 74 9.45 -6.98 -18.40
N VAL A 75 10.20 -6.14 -19.12
CA VAL A 75 9.89 -4.72 -19.19
C VAL A 75 10.37 -4.18 -20.54
N PHE A 76 9.78 -3.06 -20.96
CA PHE A 76 10.17 -2.36 -22.18
C PHE A 76 11.08 -1.18 -21.84
N ILE A 77 11.83 -0.73 -22.84
CA ILE A 77 12.87 0.26 -22.60
C ILE A 77 12.63 1.56 -23.35
N PRO A 78 11.91 2.51 -22.76
CA PRO A 78 12.06 3.91 -23.17
C PRO A 78 12.99 4.65 -22.23
N LYS A 79 13.85 5.51 -22.77
CA LYS A 79 14.83 6.24 -21.98
C LYS A 79 14.16 7.13 -20.93
N ALA A 82 18.08 5.37 -26.43
CA ALA A 82 18.81 6.25 -27.35
C ALA A 82 20.26 6.40 -26.91
N GLY A 83 20.67 7.66 -26.67
CA GLY A 83 22.03 7.94 -26.29
C GLY A 83 22.18 8.42 -24.86
N GLN A 84 21.30 7.95 -23.97
CA GLN A 84 21.39 8.29 -22.56
C GLN A 84 21.95 7.11 -21.77
N ARG A 85 22.68 7.44 -20.70
CA ARG A 85 23.07 6.42 -19.73
C ARG A 85 21.83 5.91 -19.01
N ILE A 86 21.49 4.65 -19.27
CA ILE A 86 20.36 3.98 -18.64
C ILE A 86 20.91 3.16 -17.48
N VAL A 87 20.28 3.29 -16.31
CA VAL A 87 20.77 2.69 -15.08
C VAL A 87 19.60 2.03 -14.35
N LEU A 88 19.89 0.90 -13.72
CA LEU A 88 18.90 0.10 -13.00
C LEU A 88 19.18 0.24 -11.50
N ARG A 89 18.23 0.81 -10.77
CA ARG A 89 18.41 1.11 -9.35
C ARG A 89 17.42 0.33 -8.51
N PHE A 90 17.94 -0.34 -7.47
CA PHE A 90 17.14 -1.00 -6.44
C PHE A 90 17.34 -0.22 -5.16
N ASP A 91 16.28 0.45 -4.68
CA ASP A 91 16.42 1.25 -3.47
C ASP A 91 16.58 0.40 -2.22
N ALA A 92 16.15 -0.87 -2.26
CA ALA A 92 16.34 -1.80 -1.15
C ALA A 92 15.97 -3.23 -1.54
N VAL A 93 16.94 -4.14 -1.43
CA VAL A 93 16.71 -5.57 -1.55
C VAL A 93 17.27 -6.18 -0.28
N THR A 94 16.39 -6.60 0.64
CA THR A 94 16.83 -6.94 1.98
C THR A 94 17.75 -8.14 2.00
N HIS A 95 18.98 -7.87 2.43
CA HIS A 95 20.10 -8.78 2.70
C HIS A 95 20.93 -8.97 1.43
N TYR A 96 20.59 -9.90 0.54
CA TYR A 96 21.42 -10.11 -0.64
C TYR A 96 20.54 -10.10 -1.88
N GLY A 97 21.07 -9.53 -2.96
CA GLY A 97 20.36 -9.49 -4.23
C GLY A 97 21.29 -9.44 -5.42
N LYS A 98 21.10 -10.35 -6.37
CA LYS A 98 21.90 -10.42 -7.59
C LYS A 98 20.97 -10.25 -8.79
N VAL A 99 21.19 -9.19 -9.57
CA VAL A 99 20.29 -8.84 -10.66
C VAL A 99 20.86 -9.33 -11.97
N TRP A 100 19.98 -9.72 -12.87
CA TRP A 100 20.34 -10.20 -14.20
C TRP A 100 19.47 -9.52 -15.25
N VAL A 101 20.12 -8.99 -16.27
CA VAL A 101 19.47 -8.34 -17.41
C VAL A 101 19.78 -9.19 -18.63
N ASN A 102 18.85 -10.09 -18.98
CA ASN A 102 18.94 -10.94 -20.16
C ASN A 102 20.25 -11.74 -20.17
N ASN A 103 20.32 -12.69 -19.22
CA ASN A 103 21.37 -13.70 -19.08
C ASN A 103 22.71 -13.15 -18.61
N GLN A 104 22.80 -11.89 -18.24
CA GLN A 104 24.10 -11.29 -17.94
C GLN A 104 24.07 -10.66 -16.56
N GLU A 105 24.99 -11.09 -15.70
CA GLU A 105 25.14 -10.51 -14.37
C GLU A 105 25.48 -9.02 -14.48
N VAL A 106 24.71 -8.19 -13.78
CA VAL A 106 24.89 -6.75 -13.85
C VAL A 106 25.62 -6.26 -12.61
N MET A 107 25.03 -6.50 -11.44
CA MET A 107 25.68 -6.15 -10.18
C MET A 107 24.94 -6.86 -9.06
N GLU A 108 25.54 -6.85 -7.87
CA GLU A 108 24.99 -7.51 -6.70
C GLU A 108 25.27 -6.64 -5.48
N HIS A 109 24.63 -6.98 -4.36
CA HIS A 109 24.73 -6.17 -3.16
C HIS A 109 24.57 -7.04 -1.92
N GLN A 110 25.15 -6.57 -0.81
CA GLN A 110 25.03 -7.23 0.48
C GLN A 110 24.84 -6.14 1.54
N GLY A 111 23.73 -5.41 1.42
CA GLY A 111 23.47 -4.27 2.28
C GLY A 111 22.18 -4.38 3.06
N GLY A 112 21.09 -4.72 2.37
CA GLY A 112 19.84 -4.97 3.05
C GLY A 112 18.86 -3.81 3.06
N TYR A 113 19.30 -2.66 3.55
CA TYR A 113 18.42 -1.50 3.70
C TYR A 113 18.98 -0.28 3.00
N THR A 114 20.08 -0.40 2.27
CA THR A 114 20.73 0.63 1.49
C THR A 114 20.49 0.38 0.01
N PRO A 115 20.34 1.43 -0.80
CA PRO A 115 20.15 1.23 -2.25
C PRO A 115 21.44 0.87 -2.97
N PHE A 116 21.26 0.15 -4.08
CA PHE A 116 22.35 -0.21 -4.97
C PHE A 116 21.83 -0.16 -6.41
N GLU A 117 22.62 0.43 -7.30
CA GLU A 117 22.25 0.58 -8.69
C GLU A 117 23.36 0.04 -9.56
N ALA A 118 23.15 0.09 -10.87
CA ALA A 118 24.16 -0.36 -11.82
C ALA A 118 23.91 0.29 -13.17
N ASP A 119 24.99 0.50 -13.91
CA ASP A 119 24.94 1.17 -15.21
C ASP A 119 24.77 0.12 -16.30
N VAL A 120 23.65 0.18 -17.01
CA VAL A 120 23.24 -0.87 -17.94
C VAL A 120 23.10 -0.34 -19.37
N THR A 121 23.75 0.79 -19.68
CA THR A 121 23.59 1.38 -21.01
C THR A 121 24.00 0.45 -22.14
N PRO A 122 25.17 -0.19 -22.13
CA PRO A 122 25.50 -1.08 -23.27
C PRO A 122 24.57 -2.27 -23.40
N TYR A 123 24.04 -2.78 -22.30
CA TYR A 123 23.44 -4.11 -22.26
C TYR A 123 21.97 -4.10 -22.65
N VAL A 124 21.41 -2.92 -22.91
CA VAL A 124 20.00 -2.79 -23.28
C VAL A 124 19.91 -1.91 -24.51
N ILE A 125 18.82 -2.09 -25.25
CA ILE A 125 18.58 -1.35 -26.49
C ILE A 125 17.15 -0.81 -26.44
N ALA A 126 17.02 0.53 -26.40
CA ALA A 126 15.73 1.18 -26.21
C ALA A 126 14.78 0.90 -27.36
N GLY A 127 13.75 0.09 -27.11
CA GLY A 127 12.79 -0.23 -28.15
C GLY A 127 12.23 -1.64 -28.03
N LYS A 128 13.04 -2.55 -27.51
CA LYS A 128 12.64 -3.94 -27.34
C LYS A 128 12.47 -4.27 -25.86
N SER A 129 12.00 -5.48 -25.59
CA SER A 129 11.79 -5.93 -24.23
C SER A 129 13.14 -6.24 -23.58
N VAL A 130 13.07 -6.70 -22.33
CA VAL A 130 14.24 -7.12 -21.58
C VAL A 130 13.77 -7.81 -20.31
N ARG A 131 14.51 -8.84 -19.90
CA ARG A 131 14.16 -9.67 -18.75
C ARG A 131 15.08 -9.32 -17.59
N ILE A 132 14.50 -9.16 -16.40
CA ILE A 132 15.22 -8.83 -15.19
C ILE A 132 14.89 -9.91 -14.17
N THR A 133 15.92 -10.67 -13.77
CA THR A 133 15.76 -11.74 -12.79
C THR A 133 16.60 -11.41 -11.57
N VAL A 134 15.96 -11.31 -10.41
CA VAL A 134 16.64 -10.95 -9.17
C VAL A 134 16.71 -12.19 -8.29
N CYS A 135 17.89 -12.46 -7.73
CA CYS A 135 18.09 -13.53 -6.77
C CYS A 135 18.27 -12.89 -5.39
N VAL A 136 17.26 -13.04 -4.54
CA VAL A 136 17.24 -12.42 -3.22
C VAL A 136 17.51 -13.48 -2.18
N ASN A 137 18.53 -13.24 -1.35
CA ASN A 137 18.88 -14.10 -0.24
C ASN A 137 18.55 -13.40 1.07
N ASN A 138 17.97 -14.16 1.99
CA ASN A 138 17.43 -13.65 3.24
C ASN A 138 18.18 -14.17 4.45
N GLU A 139 19.43 -14.55 4.29
CA GLU A 139 20.15 -15.26 5.33
C GLU A 139 21.07 -14.31 6.09
N LEU A 140 21.33 -14.65 7.36
CA LEU A 140 22.16 -13.85 8.25
C LEU A 140 23.21 -14.76 8.88
N ASN A 141 24.48 -14.45 8.66
CA ASN A 141 25.56 -15.07 9.39
C ASN A 141 26.24 -14.00 10.27
N TRP A 142 27.43 -14.31 10.76
CA TRP A 142 28.08 -13.44 11.73
C TRP A 142 28.73 -12.21 11.10
N GLN A 143 28.83 -12.14 9.78
CA GLN A 143 29.41 -10.97 9.12
C GLN A 143 28.38 -10.16 8.35
N THR A 144 27.09 -10.45 8.52
CA THR A 144 26.06 -9.58 8.00
C THR A 144 25.73 -8.48 9.01
N ILE A 145 25.16 -7.40 8.52
CA ILE A 145 24.69 -6.29 9.35
C ILE A 145 23.20 -6.10 9.06
N PRO A 146 22.31 -6.60 9.93
CA PRO A 146 22.58 -7.24 11.21
C PRO A 146 23.11 -8.67 11.12
N PRO A 147 23.80 -9.13 12.16
CA PRO A 147 24.34 -10.49 12.16
C PRO A 147 23.30 -11.52 12.62
N GLY A 148 23.63 -12.79 12.39
CA GLY A 148 22.73 -13.86 12.76
C GLY A 148 23.43 -15.21 12.71
N MET A 149 22.64 -16.25 12.97
CA MET A 149 23.11 -17.63 12.95
C MET A 149 22.06 -18.46 12.22
N VAL A 150 22.43 -19.01 11.07
CA VAL A 150 21.56 -19.94 10.36
C VAL A 150 21.94 -21.35 10.77
N ILE A 151 20.94 -22.17 11.09
CA ILE A 151 21.15 -23.50 11.64
C ILE A 151 20.46 -24.52 10.74
N THR A 152 21.24 -25.40 10.14
CA THR A 152 20.69 -26.56 9.47
C THR A 152 20.58 -27.72 10.45
N ASP A 153 19.68 -28.65 10.17
CA ASP A 153 19.46 -29.77 11.07
C ASP A 153 19.78 -31.09 10.39
N GLU A 154 19.07 -32.15 10.77
CA GLU A 154 19.36 -33.48 10.24
C GLU A 154 18.90 -33.65 8.80
N ASN A 155 17.92 -32.88 8.34
CA ASN A 155 17.42 -32.98 6.98
C ASN A 155 18.00 -31.92 6.06
N GLY A 156 19.00 -31.16 6.52
CA GLY A 156 19.49 -30.04 5.76
C GLY A 156 18.56 -28.86 5.67
N LYS A 157 17.46 -28.86 6.44
CA LYS A 157 16.51 -27.77 6.42
C LYS A 157 17.06 -26.57 7.17
N LYS A 158 17.14 -25.42 6.50
CA LYS A 158 17.70 -24.22 7.11
C LYS A 158 16.67 -23.53 7.98
N LYS A 159 17.07 -23.18 9.20
CA LYS A 159 16.25 -22.40 10.13
C LYS A 159 17.07 -21.22 10.59
N GLN A 160 16.60 -20.02 10.31
CA GLN A 160 17.34 -18.79 10.62
C GLN A 160 17.03 -18.32 12.03
N SER A 161 18.07 -18.16 12.84
CA SER A 161 17.94 -17.56 14.16
C SER A 161 18.76 -16.28 14.20
N TYR A 162 18.21 -15.26 14.85
CA TYR A 162 18.91 -13.98 14.94
C TYR A 162 18.85 -13.46 16.37
N PHE A 163 19.28 -12.22 16.58
CA PHE A 163 19.37 -11.66 17.92
C PHE A 163 18.57 -10.38 18.12
N HIS A 164 18.06 -9.77 17.05
CA HIS A 164 17.20 -8.60 17.21
C HIS A 164 15.81 -9.06 17.63
N ASP A 165 14.85 -8.13 17.67
CA ASP A 165 13.49 -8.44 18.06
C ASP A 165 12.54 -8.58 16.86
N PHE A 166 12.61 -7.64 15.93
CA PHE A 166 11.69 -7.63 14.80
C PHE A 166 11.87 -8.86 13.92
N PHE A 167 10.80 -9.24 13.22
CA PHE A 167 10.87 -10.38 12.31
C PHE A 167 11.73 -10.04 11.10
N ASN A 168 12.46 -11.03 10.62
CA ASN A 168 13.39 -10.85 9.50
C ASN A 168 12.61 -10.91 8.18
N TYR A 169 11.83 -9.85 7.95
CA TYR A 169 11.17 -9.68 6.67
C TYR A 169 12.20 -9.45 5.58
N ALA A 170 12.00 -10.09 4.43
CA ALA A 170 12.98 -10.05 3.36
C ALA A 170 12.29 -9.85 2.03
N GLY A 171 13.08 -9.81 0.96
CA GLY A 171 12.59 -9.51 -0.36
C GLY A 171 12.91 -8.09 -0.79
N ILE A 172 12.24 -7.66 -1.85
CA ILE A 172 12.38 -6.30 -2.36
C ILE A 172 11.41 -5.41 -1.60
N HIS A 173 11.95 -4.41 -0.89
CA HIS A 173 11.15 -3.60 0.02
C HIS A 173 10.86 -2.20 -0.48
N ARG A 174 11.67 -1.65 -1.38
CA ARG A 174 11.47 -0.29 -1.85
C ARG A 174 11.47 -0.29 -3.39
N SER A 175 11.81 0.85 -3.97
CA SER A 175 11.58 1.06 -5.39
C SER A 175 12.58 0.28 -6.24
N VAL A 176 12.09 -0.28 -7.34
CA VAL A 176 12.91 -0.80 -8.42
C VAL A 176 12.63 0.08 -9.63
N MET A 177 13.63 0.87 -10.05
CA MET A 177 13.37 1.85 -11.10
C MET A 177 14.46 1.79 -12.16
N LEU A 178 14.08 2.24 -13.36
CA LEU A 178 14.93 2.27 -14.54
C LEU A 178 15.09 3.72 -14.95
N TYR A 179 16.15 4.38 -14.50
CA TYR A 179 16.25 5.81 -14.76
C TYR A 179 17.35 6.10 -15.78
N THR A 180 17.34 7.34 -16.25
CA THR A 180 17.94 7.73 -17.53
C THR A 180 18.54 9.11 -17.37
N THR A 181 19.84 9.21 -17.57
CA THR A 181 20.62 10.42 -17.33
C THR A 181 21.53 10.71 -18.51
N PRO A 182 21.79 11.99 -18.80
CA PRO A 182 22.72 12.33 -19.88
C PRO A 182 24.12 11.81 -19.61
N ASN A 183 24.89 11.66 -20.69
CA ASN A 183 26.23 11.06 -20.63
C ASN A 183 27.24 11.92 -19.89
N THR A 184 26.86 13.12 -19.43
CA THR A 184 27.68 13.94 -18.54
C THR A 184 26.81 14.21 -17.33
N TRP A 185 26.95 13.39 -16.29
CA TRP A 185 26.05 13.43 -15.15
C TRP A 185 26.70 14.12 -13.94
N VAL A 186 25.88 14.35 -12.92
CA VAL A 186 26.33 14.95 -11.66
C VAL A 186 26.13 13.90 -10.57
N ASP A 187 27.05 12.94 -10.47
CA ASP A 187 26.70 11.71 -9.77
C ASP A 187 27.08 11.70 -8.29
N ASP A 188 27.58 12.81 -7.75
CA ASP A 188 27.82 12.90 -6.31
C ASP A 188 27.76 14.36 -5.90
N ILE A 189 27.19 14.62 -4.73
CA ILE A 189 27.12 15.96 -4.16
C ILE A 189 27.28 15.86 -2.65
N THR A 190 27.95 16.85 -2.06
CA THR A 190 28.02 17.01 -0.62
C THR A 190 27.84 18.48 -0.28
N VAL A 191 27.08 18.76 0.76
CA VAL A 191 26.77 20.13 1.18
C VAL A 191 26.86 20.21 2.69
N VAL A 192 27.62 21.20 3.18
CA VAL A 192 27.75 21.46 4.61
C VAL A 192 27.31 22.90 4.86
N THR A 193 26.55 23.11 5.92
CA THR A 193 25.99 24.42 6.25
C THR A 193 26.47 24.86 7.62
N HIS A 194 26.67 26.18 7.77
CA HIS A 194 27.03 26.79 9.03
C HIS A 194 26.09 27.95 9.30
N VAL A 195 25.95 28.31 10.58
CA VAL A 195 25.25 29.51 11.01
C VAL A 195 25.98 30.08 12.22
N ALA A 196 25.81 31.39 12.43
CA ALA A 196 26.52 32.10 13.49
C ALA A 196 25.56 32.57 14.59
N GLN A 197 24.66 33.49 14.28
CA GLN A 197 23.68 33.99 15.23
C GLN A 197 22.32 34.10 14.56
N ASP A 198 22.00 33.14 13.70
CA ASP A 198 20.79 33.17 12.87
C ASP A 198 20.70 34.45 12.06
N CYS A 199 21.85 34.99 11.66
CA CYS A 199 21.93 36.22 10.90
C CYS A 199 22.55 36.03 9.53
N ASN A 200 23.55 35.16 9.39
CA ASN A 200 24.23 34.89 8.14
C ASN A 200 25.30 33.82 8.32
N HIS A 201 25.47 32.96 7.30
CA HIS A 201 26.66 32.13 7.14
C HIS A 201 26.55 31.40 5.81
N ALA A 202 27.54 30.55 5.54
CA ALA A 202 27.74 29.98 4.21
C ALA A 202 27.27 28.53 4.14
N SER A 203 27.19 28.04 2.91
CA SER A 203 26.85 26.65 2.61
C SER A 203 27.87 26.13 1.62
N VAL A 204 28.90 25.43 2.11
CA VAL A 204 29.98 24.99 1.23
C VAL A 204 29.43 23.93 0.26
N ASP A 205 29.91 23.97 -0.98
CA ASP A 205 29.47 23.05 -2.01
C ASP A 205 30.61 22.14 -2.43
N TRP A 206 30.25 21.00 -3.02
CA TRP A 206 31.19 19.96 -3.42
C TRP A 206 30.45 18.89 -4.21
N GLN A 207 31.00 18.47 -5.35
CA GLN A 207 30.30 17.49 -6.18
C GLN A 207 31.28 16.78 -7.08
N VAL A 208 30.78 15.75 -7.77
CA VAL A 208 31.57 14.87 -8.63
C VAL A 208 30.83 14.68 -9.95
N VAL A 209 31.56 14.81 -11.06
CA VAL A 209 30.97 14.95 -12.38
C VAL A 209 31.36 13.78 -13.28
N ALA A 210 30.93 13.85 -14.54
CA ALA A 210 31.39 12.97 -15.61
C ALA A 210 32.00 13.85 -16.70
N ASN A 211 33.19 14.38 -16.42
CA ASN A 211 33.92 15.24 -17.36
C ASN A 211 33.09 16.46 -17.75
N GLY A 212 32.50 17.11 -16.74
CA GLY A 212 31.76 18.34 -16.96
C GLY A 212 32.03 19.32 -15.84
N ASP A 213 31.84 20.60 -16.15
CA ASP A 213 32.03 21.63 -15.14
C ASP A 213 30.72 21.90 -14.41
N VAL A 214 30.84 22.46 -13.21
CA VAL A 214 29.69 22.63 -12.33
C VAL A 214 29.51 24.11 -12.03
N SER A 215 28.45 24.70 -12.57
CA SER A 215 27.96 26.01 -12.17
C SER A 215 26.71 25.78 -11.33
N VAL A 216 26.71 26.31 -10.11
CA VAL A 216 25.71 25.98 -9.11
C VAL A 216 24.99 27.26 -8.68
N GLU A 217 23.66 27.23 -8.69
CA GLU A 217 22.83 28.33 -8.23
C GLU A 217 22.02 27.86 -7.02
N LEU A 218 21.62 28.84 -6.19
CA LEU A 218 20.89 28.56 -4.95
C LEU A 218 19.53 29.24 -5.02
N ARG A 219 18.55 28.55 -5.60
CA ARG A 219 17.22 29.11 -5.75
C ARG A 219 16.39 28.90 -4.49
N ASP A 220 15.30 29.66 -4.40
CA ASP A 220 14.52 29.83 -3.19
C ASP A 220 13.34 28.87 -3.16
N ALA A 221 12.42 29.09 -2.21
CA ALA A 221 11.17 28.34 -2.17
C ALA A 221 10.15 28.83 -3.19
N ASP A 222 10.45 29.92 -3.90
CA ASP A 222 9.60 30.42 -4.97
C ASP A 222 10.43 30.65 -6.24
N GLN A 223 11.52 29.91 -6.37
CA GLN A 223 12.41 29.97 -7.54
C GLN A 223 12.99 31.38 -7.74
N GLN A 224 13.80 31.79 -6.75
CA GLN A 224 14.52 33.05 -6.80
C GLN A 224 15.99 32.77 -6.53
N VAL A 225 16.86 33.17 -7.47
CA VAL A 225 18.28 32.99 -7.29
C VAL A 225 18.77 33.89 -6.15
N VAL A 226 19.61 33.33 -5.27
CA VAL A 226 20.12 34.09 -4.13
C VAL A 226 21.63 33.98 -4.06
N ALA A 227 22.21 33.05 -4.83
CA ALA A 227 23.66 32.87 -4.86
C ALA A 227 24.03 31.96 -6.02
N THR A 228 25.25 32.16 -6.53
CA THR A 228 25.80 31.37 -7.61
C THR A 228 27.22 30.94 -7.24
N GLY A 229 27.83 30.11 -8.08
CA GLY A 229 29.16 29.58 -7.82
C GLY A 229 29.70 28.77 -8.97
N GLN A 230 31.01 28.88 -9.23
CA GLN A 230 31.65 28.23 -10.37
C GLN A 230 32.86 27.46 -9.87
N GLY A 231 32.75 26.14 -9.79
CA GLY A 231 33.87 25.32 -9.37
C GLY A 231 33.40 24.04 -8.72
N THR A 232 34.35 23.10 -8.60
CA THR A 232 34.08 21.81 -8.01
C THR A 232 33.95 21.89 -6.48
N SER A 233 34.50 22.92 -5.87
CA SER A 233 34.47 23.05 -4.41
C SER A 233 34.09 24.49 -4.07
N GLY A 234 34.50 24.94 -2.89
CA GLY A 234 34.27 26.30 -2.46
C GLY A 234 33.00 26.46 -1.63
N THR A 235 32.89 27.63 -1.02
CA THR A 235 31.71 28.01 -0.25
C THR A 235 30.94 29.09 -0.99
N LEU A 236 29.74 29.40 -0.48
CA LEU A 236 28.95 30.51 -0.98
C LEU A 236 28.01 30.95 0.13
N GLN A 237 27.82 32.26 0.25
CA GLN A 237 27.17 32.86 1.40
C GLN A 237 25.79 33.41 1.04
N VAL A 238 24.86 33.25 1.98
CA VAL A 238 23.54 33.87 1.89
C VAL A 238 23.54 35.13 2.73
N VAL A 239 22.36 35.67 3.03
CA VAL A 239 22.26 36.82 3.93
C VAL A 239 20.87 36.80 4.56
N ASN A 240 20.84 37.04 5.88
CA ASN A 240 19.63 37.00 6.70
C ASN A 240 18.77 35.82 6.31
N PRO A 241 19.24 34.59 6.57
CA PRO A 241 18.64 33.42 5.94
C PRO A 241 17.30 33.04 6.55
N HIS A 242 16.55 32.27 5.78
CA HIS A 242 15.38 31.54 6.30
C HIS A 242 15.85 30.14 6.70
N LEU A 243 16.62 30.10 7.79
CA LEU A 243 17.28 28.87 8.17
C LEU A 243 16.27 27.80 8.60
N TRP A 244 16.72 26.55 8.52
CA TRP A 244 15.87 25.38 8.71
C TRP A 244 15.65 25.14 10.20
N GLN A 245 14.41 25.29 10.66
CA GLN A 245 14.07 25.12 12.05
C GLN A 245 13.25 23.85 12.27
N PRO A 246 13.33 23.25 13.47
CA PRO A 246 12.51 22.06 13.74
C PRO A 246 11.02 22.31 13.65
N GLY A 247 10.57 23.56 13.72
CA GLY A 247 9.15 23.83 13.63
C GLY A 247 8.63 23.78 12.21
N GLU A 248 9.14 24.67 11.36
CA GLU A 248 8.66 24.82 9.99
C GLU A 248 9.48 23.97 9.02
N GLY A 249 10.77 24.26 8.90
CA GLY A 249 11.66 23.49 8.05
C GLY A 249 11.85 24.08 6.67
N TYR A 250 12.40 25.29 6.61
CA TYR A 250 12.58 25.95 5.32
C TYR A 250 13.66 25.24 4.51
N LEU A 251 13.44 25.15 3.20
CA LEU A 251 14.25 24.30 2.34
C LEU A 251 14.63 25.08 1.09
N TYR A 252 15.91 25.43 0.97
CA TYR A 252 16.41 26.02 -0.26
C TYR A 252 16.63 24.94 -1.31
N GLU A 253 16.56 25.35 -2.58
CA GLU A 253 16.74 24.43 -3.71
C GLU A 253 18.01 24.81 -4.46
N LEU A 254 19.08 24.07 -4.19
CA LEU A 254 20.38 24.29 -4.84
C LEU A 254 20.41 23.49 -6.14
N CYS A 255 20.30 24.20 -7.27
CA CYS A 255 20.38 23.56 -8.57
C CYS A 255 21.84 23.57 -9.04
N VAL A 256 22.39 22.39 -9.29
CA VAL A 256 23.77 22.23 -9.75
C VAL A 256 23.74 21.88 -11.23
N THR A 257 24.70 22.41 -11.98
CA THR A 257 24.82 22.18 -13.40
C THR A 257 26.20 21.62 -13.73
N ALA A 258 26.23 20.54 -14.49
CA ALA A 258 27.47 19.97 -15.03
C ALA A 258 27.35 19.96 -16.55
N LYS A 259 28.07 20.87 -17.20
CA LYS A 259 28.02 21.03 -18.65
C LYS A 259 29.28 20.46 -19.28
N SER A 260 29.10 19.86 -20.45
CA SER A 260 30.17 19.47 -21.35
C SER A 260 30.07 20.33 -22.61
N GLN A 261 31.01 20.12 -23.54
CA GLN A 261 31.01 20.92 -24.76
C GLN A 261 29.76 20.66 -25.59
N THR A 262 29.14 19.49 -25.45
CA THR A 262 27.92 19.15 -26.18
C THR A 262 26.74 18.89 -25.26
N GLU A 263 26.92 18.04 -24.26
CA GLU A 263 25.83 17.62 -23.39
C GLU A 263 25.90 18.34 -22.06
N CYS A 264 24.75 18.37 -21.37
CA CYS A 264 24.64 19.06 -20.09
C CYS A 264 23.66 18.30 -19.20
N ASP A 265 23.89 18.38 -17.89
CA ASP A 265 22.98 17.79 -16.90
C ASP A 265 22.74 18.79 -15.77
N ILE A 266 21.48 18.92 -15.38
CA ILE A 266 21.07 19.80 -14.30
C ILE A 266 20.38 18.95 -13.24
N TYR A 267 20.80 19.12 -11.99
CA TYR A 267 20.27 18.34 -10.88
C TYR A 267 19.86 19.29 -9.76
N PRO A 268 18.58 19.31 -9.37
CA PRO A 268 18.18 20.13 -8.22
C PRO A 268 18.23 19.34 -6.92
N LEU A 269 18.94 19.88 -5.93
CA LEU A 269 19.11 19.23 -4.63
C LEU A 269 18.61 20.18 -3.55
N ARG A 270 17.63 19.74 -2.77
CA ARG A 270 17.05 20.57 -1.71
C ARG A 270 17.86 20.39 -0.43
N VAL A 271 18.35 21.50 0.12
CA VAL A 271 18.99 21.49 1.44
C VAL A 271 18.52 22.71 2.20
N GLY A 272 18.46 22.58 3.53
CA GLY A 272 18.06 23.65 4.41
C GLY A 272 19.21 24.09 5.28
N ILE A 273 19.28 25.40 5.54
CA ILE A 273 20.36 25.97 6.33
C ILE A 273 20.09 25.67 7.81
N ARG A 274 20.94 24.84 8.41
CA ARG A 274 20.81 24.53 9.83
C ARG A 274 22.15 24.00 10.33
N SER A 275 22.39 24.16 11.63
CA SER A 275 23.63 23.72 12.26
C SER A 275 23.30 22.98 13.56
N VAL A 276 23.82 21.76 13.68
CA VAL A 276 23.54 20.87 14.80
C VAL A 276 24.85 20.55 15.50
N ALA A 277 24.89 20.76 16.82
CA ALA A 277 26.09 20.49 17.60
C ALA A 277 25.70 20.16 19.03
N VAL A 278 26.64 19.55 19.75
CA VAL A 278 26.46 19.17 21.15
C VAL A 278 27.36 20.04 22.01
N LYS A 279 26.79 20.66 23.05
CA LYS A 279 27.56 21.51 23.96
C LYS A 279 27.23 21.10 25.39
N GLY A 280 28.21 20.52 26.09
CA GLY A 280 28.02 20.09 27.45
C GLY A 280 26.94 19.02 27.58
N GLU A 281 25.75 19.43 28.02
CA GLU A 281 24.59 18.54 28.14
C GLU A 281 23.40 19.09 27.35
N GLN A 282 23.68 19.83 26.28
CA GLN A 282 22.65 20.46 25.46
C GLN A 282 22.84 20.05 24.01
N PHE A 283 21.74 19.65 23.37
CA PHE A 283 21.72 19.36 21.94
C PHE A 283 21.20 20.60 21.23
N LEU A 284 22.09 21.31 20.54
CA LEU A 284 21.78 22.61 19.95
C LEU A 284 21.49 22.44 18.46
N ILE A 285 20.28 22.81 18.06
CA ILE A 285 19.92 22.99 16.65
C ILE A 285 19.77 24.49 16.43
N ASN A 286 20.62 25.04 15.56
CA ASN A 286 20.65 26.48 15.28
C ASN A 286 20.84 27.28 16.58
N HIS A 287 21.82 26.83 17.38
CA HIS A 287 22.23 27.52 18.60
C HIS A 287 21.05 27.71 19.57
N LYS A 288 20.16 26.73 19.61
CA LYS A 288 19.08 26.74 20.57
C LYS A 288 19.00 25.35 21.21
N PRO A 289 18.95 25.25 22.53
CA PRO A 289 18.86 23.94 23.17
C PRO A 289 17.54 23.28 22.82
N PHE A 290 17.62 22.00 22.46
CA PHE A 290 16.47 21.27 21.96
C PHE A 290 15.96 20.28 23.01
N TYR A 291 14.79 19.72 22.73
CA TYR A 291 14.26 18.60 23.49
C TYR A 291 13.57 17.66 22.53
N PHE A 292 14.01 16.41 22.51
CA PHE A 292 13.44 15.41 21.62
C PHE A 292 12.19 14.82 22.23
N THR A 293 11.16 14.66 21.41
CA THR A 293 9.96 13.92 21.78
C THR A 293 9.55 13.10 20.57
N GLY A 294 9.07 11.90 20.81
CA GLY A 294 8.61 11.10 19.71
C GLY A 294 8.85 9.62 19.94
N PHE A 295 9.00 8.90 18.82
CA PHE A 295 8.97 7.45 18.85
C PHE A 295 10.26 6.87 18.29
N GLY A 296 10.47 5.60 18.63
CA GLY A 296 11.35 4.73 17.88
C GLY A 296 10.48 3.73 17.16
N ARG A 297 10.21 3.98 15.89
CA ARG A 297 9.20 3.23 15.15
C ARG A 297 9.84 2.12 14.34
N HIS A 298 9.02 1.38 13.61
CA HIS A 298 9.50 0.32 12.73
C HIS A 298 8.87 0.48 11.35
N GLU A 299 9.58 -0.02 10.35
CA GLU A 299 9.01 -0.18 9.01
C GLU A 299 8.29 -1.52 9.01
N ASP A 300 7.10 -1.52 9.61
CA ASP A 300 6.33 -2.74 9.85
C ASP A 300 4.86 -2.45 9.65
N ALA A 301 4.16 -3.41 9.03
CA ALA A 301 2.73 -3.26 8.79
C ALA A 301 2.13 -4.63 8.53
N ASP A 302 0.81 -4.65 8.40
CA ASP A 302 0.12 -5.89 8.06
C ASP A 302 0.33 -6.22 6.59
N LEU A 303 0.48 -7.50 6.30
CA LEU A 303 0.52 -8.05 4.94
C LEU A 303 1.83 -7.76 4.21
N ARG A 304 2.24 -6.49 4.15
CA ARG A 304 3.44 -6.12 3.41
C ARG A 304 4.73 -6.29 4.19
N GLY A 305 4.66 -6.53 5.49
CA GLY A 305 5.87 -6.65 6.28
C GLY A 305 6.64 -5.34 6.25
N LYS A 306 7.93 -5.42 5.94
CA LYS A 306 8.79 -4.25 5.88
C LYS A 306 8.70 -3.51 4.55
N GLY A 307 7.74 -3.86 3.70
CA GLY A 307 7.58 -3.15 2.45
C GLY A 307 7.09 -1.74 2.65
N PHE A 308 7.39 -0.90 1.66
CA PHE A 308 7.06 0.52 1.70
C PHE A 308 5.71 0.79 1.06
N ASP A 309 4.99 1.77 1.58
CA ASP A 309 3.73 2.20 1.00
C ASP A 309 3.42 3.61 1.46
N ASN A 310 2.79 4.38 0.57
CA ASN A 310 2.63 5.81 0.80
C ASN A 310 1.55 6.11 1.85
N VAL A 311 0.43 5.38 1.80
CA VAL A 311 -0.66 5.63 2.73
C VAL A 311 -0.16 5.49 4.17
N LEU A 312 0.73 4.53 4.41
CA LEU A 312 1.33 4.40 5.74
C LEU A 312 2.13 5.64 6.09
N MET A 313 2.81 6.24 5.13
CA MET A 313 3.61 7.43 5.41
C MET A 313 2.72 8.59 5.80
N VAL A 314 1.73 8.90 4.96
CA VAL A 314 0.89 10.07 5.26
C VAL A 314 0.08 9.85 6.53
N HIS A 315 -0.43 8.64 6.75
CA HIS A 315 -1.22 8.37 7.95
C HIS A 315 -0.34 8.41 9.20
N ASP A 316 0.79 7.72 9.17
CA ASP A 316 1.69 7.72 10.32
C ASP A 316 2.15 9.13 10.66
N HIS A 317 2.49 9.93 9.64
CA HIS A 317 2.91 11.29 9.90
C HIS A 317 1.76 12.15 10.40
N ALA A 318 0.53 11.83 10.01
CA ALA A 318 -0.62 12.53 10.58
C ALA A 318 -0.79 12.20 12.06
N LEU A 319 -0.56 10.92 12.43
CA LEU A 319 -0.67 10.52 13.82
C LEU A 319 0.40 11.18 14.68
N MET A 320 1.66 11.11 14.24
CA MET A 320 2.73 11.76 14.98
C MET A 320 2.51 13.27 15.06
N ASP A 321 2.04 13.86 13.96
CA ASP A 321 1.75 15.30 13.95
C ASP A 321 0.67 15.66 14.96
N TRP A 322 -0.34 14.79 15.09
CA TRP A 322 -1.40 15.04 16.07
C TRP A 322 -0.87 14.89 17.49
N ILE A 323 -0.12 13.83 17.76
CA ILE A 323 0.27 13.49 19.12
C ILE A 323 1.26 14.47 19.72
N GLY A 324 1.84 15.37 18.92
CA GLY A 324 2.81 16.33 19.40
C GLY A 324 4.25 15.91 19.26
N ALA A 325 4.52 14.78 18.63
CA ALA A 325 5.89 14.33 18.42
C ALA A 325 6.60 15.24 17.43
N ASN A 326 7.86 15.56 17.72
CA ASN A 326 8.68 16.35 16.82
C ASN A 326 9.88 15.58 16.29
N SER A 327 10.07 14.33 16.69
CA SER A 327 11.29 13.62 16.35
C SER A 327 11.02 12.13 16.35
N TYR A 328 11.88 11.39 15.65
CA TYR A 328 11.89 9.94 15.74
C TYR A 328 13.30 9.45 15.40
N ARG A 329 13.46 8.14 15.49
CA ARG A 329 14.75 7.49 15.24
C ARG A 329 14.49 6.28 14.36
N THR A 330 15.06 6.30 13.14
CA THR A 330 14.92 5.18 12.23
C THR A 330 15.42 3.91 12.90
N SER A 331 14.54 3.22 13.63
CA SER A 331 14.97 2.17 14.55
C SER A 331 15.52 0.96 13.81
N HIS A 332 16.79 0.66 14.06
CA HIS A 332 17.46 -0.62 13.81
C HIS A 332 17.78 -0.86 12.34
N TYR A 333 17.40 0.03 11.43
CA TYR A 333 17.83 -0.08 10.04
C TYR A 333 17.56 1.23 9.33
N PRO A 334 18.31 1.54 8.27
CA PRO A 334 18.02 2.75 7.48
C PRO A 334 16.63 2.69 6.88
N TYR A 335 15.85 3.74 7.13
CA TYR A 335 14.50 3.84 6.60
C TYR A 335 14.54 4.23 5.12
N ALA A 336 13.40 4.04 4.46
CA ALA A 336 13.26 4.49 3.08
C ALA A 336 13.54 5.99 2.99
N GLU A 337 14.24 6.38 1.92
CA GLU A 337 14.62 7.77 1.74
C GLU A 337 13.40 8.69 1.71
N GLU A 338 12.23 8.18 1.35
CA GLU A 338 11.02 8.99 1.31
C GLU A 338 10.68 9.52 2.70
N MET A 339 10.81 8.68 3.73
CA MET A 339 10.58 9.13 5.10
C MET A 339 11.48 10.31 5.45
N LEU A 340 12.72 10.29 4.97
CA LEU A 340 13.64 11.39 5.26
C LEU A 340 13.36 12.62 4.42
N ASP A 341 12.78 12.45 3.22
CA ASP A 341 12.32 13.61 2.48
C ASP A 341 11.16 14.29 3.19
N TRP A 342 10.18 13.51 3.65
CA TRP A 342 9.10 14.06 4.45
C TRP A 342 9.65 14.76 5.69
N ALA A 343 10.59 14.13 6.38
CA ALA A 343 11.20 14.76 7.54
C ALA A 343 11.95 16.03 7.16
N ASP A 344 12.42 16.11 5.91
CA ASP A 344 13.11 17.32 5.47
C ASP A 344 12.12 18.46 5.29
N GLU A 345 11.03 18.24 4.56
CA GLU A 345 10.09 19.33 4.31
C GLU A 345 9.36 19.74 5.59
N HIS A 346 8.90 18.77 6.37
CA HIS A 346 8.06 19.05 7.53
C HIS A 346 8.85 19.36 8.79
N GLY A 347 10.18 19.44 8.70
CA GLY A 347 11.01 19.76 9.85
C GLY A 347 10.91 18.76 10.98
N ILE A 348 11.18 17.49 10.70
CA ILE A 348 11.15 16.44 11.70
C ILE A 348 12.58 16.00 11.96
N VAL A 349 13.06 16.24 13.18
CA VAL A 349 14.42 15.88 13.55
C VAL A 349 14.54 14.37 13.67
N VAL A 350 15.58 13.80 13.07
CA VAL A 350 15.73 12.35 12.95
C VAL A 350 17.10 11.94 13.48
N ILE A 351 17.12 10.88 14.28
CA ILE A 351 18.33 10.17 14.65
C ILE A 351 18.45 8.97 13.72
N ASP A 352 19.40 9.03 12.80
CA ASP A 352 19.59 7.96 11.82
C ASP A 352 20.40 6.82 12.43
N GLU A 353 20.05 5.59 12.06
CA GLU A 353 20.74 4.41 12.57
C GLU A 353 21.05 3.43 11.45
N THR A 354 22.15 2.70 11.62
CA THR A 354 22.50 1.61 10.73
C THR A 354 21.76 0.35 11.15
N ALA A 355 22.00 -0.75 10.43
CA ALA A 355 21.35 -2.02 10.72
C ALA A 355 22.10 -2.85 11.76
N ALA A 356 23.18 -2.32 12.32
CA ALA A 356 23.96 -3.03 13.34
C ALA A 356 23.17 -3.18 14.63
N VAL A 357 22.48 -4.31 14.78
CA VAL A 357 21.67 -4.57 15.95
C VAL A 357 21.74 -6.06 16.24
N GLY A 358 21.77 -6.42 17.53
CA GLY A 358 21.88 -7.79 17.93
C GLY A 358 23.26 -8.24 18.34
N PHE A 359 24.25 -7.34 18.32
CA PHE A 359 25.59 -7.64 18.81
C PHE A 359 25.55 -7.86 20.31
N ASN A 360 24.76 -8.84 20.75
CA ASN A 360 24.48 -9.00 22.18
C ASN A 360 23.94 -10.42 22.39
N LEU A 361 24.59 -11.18 23.25
CA LEU A 361 24.22 -12.56 23.51
C LEU A 361 23.65 -12.77 24.90
N SER A 362 23.29 -11.69 25.59
CA SER A 362 22.69 -11.77 26.91
C SER A 362 21.19 -11.49 26.91
N LEU A 363 20.61 -11.22 25.74
CA LEU A 363 19.18 -10.94 25.62
C LEU A 363 18.46 -12.26 25.38
N GLY A 364 17.97 -12.86 26.45
CA GLY A 364 17.27 -14.13 26.37
C GLY A 364 15.76 -14.00 26.29
N ASN A 371 22.63 -22.95 20.05
CA ASN A 371 23.99 -23.16 20.56
C ASN A 371 24.82 -21.90 20.36
N LYS A 372 24.71 -20.97 21.31
CA LYS A 372 25.29 -19.65 21.19
C LYS A 372 26.80 -19.69 21.40
N PRO A 373 27.57 -18.95 20.58
CA PRO A 373 29.01 -18.83 20.83
C PRO A 373 29.27 -18.21 22.20
N LYS A 374 30.42 -18.55 22.77
CA LYS A 374 30.67 -18.24 24.17
C LYS A 374 31.35 -16.91 24.39
N GLU A 375 32.10 -16.40 23.40
CA GLU A 375 32.69 -15.08 23.47
C GLU A 375 32.14 -14.24 22.32
N LEU A 376 31.61 -13.07 22.66
CA LEU A 376 30.95 -12.24 21.65
C LEU A 376 31.95 -11.67 20.66
N TYR A 377 33.16 -11.34 21.10
CA TYR A 377 34.12 -10.66 20.26
C TYR A 377 35.34 -11.52 19.94
N SER A 378 35.12 -12.78 19.57
CA SER A 378 36.20 -13.68 19.17
C SER A 378 36.21 -13.81 17.66
N GLU A 379 37.08 -14.68 17.14
CA GLU A 379 37.12 -14.88 15.69
C GLU A 379 35.97 -15.73 15.19
N GLU A 380 35.35 -16.52 16.06
CA GLU A 380 34.21 -17.34 15.68
C GLU A 380 32.89 -16.57 15.69
N ALA A 381 32.91 -15.31 16.10
CA ALA A 381 31.72 -14.46 16.13
C ALA A 381 32.11 -13.01 16.34
N VAL A 382 31.72 -12.14 15.41
CA VAL A 382 32.11 -10.73 15.40
C VAL A 382 33.63 -10.63 15.40
N ASN A 383 34.22 -10.81 14.22
CA ASN A 383 35.66 -10.71 14.04
C ASN A 383 35.97 -9.50 13.16
N GLY A 384 37.20 -9.46 12.63
CA GLY A 384 37.61 -8.33 11.82
C GLY A 384 36.73 -8.10 10.60
N GLU A 385 36.18 -9.18 10.03
CA GLU A 385 35.31 -9.04 8.87
C GLU A 385 33.96 -8.47 9.26
N THR A 386 33.48 -8.77 10.46
CA THR A 386 32.29 -8.11 10.97
C THR A 386 32.55 -6.62 11.14
N GLN A 387 33.75 -6.25 11.57
CA GLN A 387 34.10 -4.84 11.69
C GLN A 387 34.17 -4.18 10.31
N GLN A 388 34.73 -4.87 9.33
CA GLN A 388 34.77 -4.32 7.98
C GLN A 388 33.36 -4.11 7.43
N ALA A 389 32.48 -5.11 7.62
CA ALA A 389 31.12 -5.00 7.12
C ALA A 389 30.36 -3.89 7.83
N HIS A 390 30.59 -3.73 9.14
CA HIS A 390 29.95 -2.65 9.88
C HIS A 390 30.40 -1.30 9.36
N LEU A 391 31.72 -1.12 9.17
CA LEU A 391 32.22 0.10 8.55
C LEU A 391 31.60 0.32 7.17
N GLN A 392 31.33 -0.77 6.44
CA GLN A 392 30.65 -0.65 5.16
C GLN A 392 29.25 -0.08 5.32
N ALA A 393 28.46 -0.65 6.23
CA ALA A 393 27.10 -0.16 6.44
C ALA A 393 27.10 1.31 6.86
N ILE A 394 28.08 1.72 7.67
CA ILE A 394 28.21 3.12 8.03
C ILE A 394 28.49 3.97 6.79
N LYS A 395 29.46 3.53 5.97
CA LYS A 395 29.79 4.25 4.75
C LYS A 395 28.56 4.45 3.87
N GLU A 396 27.80 3.38 3.63
CA GLU A 396 26.66 3.46 2.73
C GLU A 396 25.57 4.37 3.31
N LEU A 397 25.24 4.17 4.58
CA LEU A 397 24.22 5.01 5.23
C LEU A 397 24.58 6.49 5.12
N ILE A 398 25.80 6.85 5.52
CA ILE A 398 26.18 8.26 5.49
C ILE A 398 26.21 8.77 4.06
N ALA A 399 26.73 7.98 3.13
CA ALA A 399 26.78 8.41 1.74
C ALA A 399 25.39 8.59 1.14
N ARG A 400 24.36 7.99 1.75
CA ARG A 400 23.01 8.20 1.25
C ARG A 400 22.29 9.37 1.93
N ASP A 401 22.46 9.53 3.24
CA ASP A 401 21.69 10.52 4.00
C ASP A 401 22.52 11.73 4.44
N LYS A 402 23.63 12.02 3.75
CA LYS A 402 24.56 13.04 4.23
C LYS A 402 23.96 14.45 4.13
N ASN A 403 23.19 14.72 3.07
CA ASN A 403 22.74 16.07 2.79
C ASN A 403 21.41 16.41 3.46
N HIS A 404 20.72 15.43 4.01
CA HIS A 404 19.38 15.65 4.54
C HIS A 404 19.44 16.44 5.84
N PRO A 405 18.86 17.65 5.89
CA PRO A 405 18.95 18.44 7.13
C PRO A 405 18.21 17.83 8.29
N SER A 406 17.30 16.88 8.07
CA SER A 406 16.54 16.31 9.17
C SER A 406 17.38 15.35 10.02
N VAL A 407 18.41 14.74 9.42
CA VAL A 407 19.30 13.89 10.20
C VAL A 407 20.19 14.78 11.04
N VAL A 408 20.11 14.62 12.37
CA VAL A 408 20.96 15.36 13.30
C VAL A 408 21.92 14.46 14.04
N MET A 409 21.84 13.15 13.83
CA MET A 409 22.68 12.20 14.56
C MET A 409 22.88 10.94 13.73
N TRP A 410 24.09 10.39 13.82
CA TRP A 410 24.37 9.04 13.34
C TRP A 410 24.45 8.10 14.55
N SER A 411 23.82 6.95 14.43
CA SER A 411 23.84 5.93 15.48
C SER A 411 24.48 4.68 14.90
N ILE A 412 25.69 4.37 15.38
CA ILE A 412 26.47 3.31 14.76
C ILE A 412 25.82 1.95 14.99
N ALA A 413 25.45 1.66 16.24
CA ALA A 413 24.90 0.35 16.59
C ALA A 413 23.83 0.52 17.66
N ASN A 414 23.11 -0.58 17.91
CA ASN A 414 22.05 -0.60 18.90
C ASN A 414 22.28 -1.73 19.89
N GLU A 415 22.13 -1.43 21.18
CA GLU A 415 22.25 -2.34 22.31
C GLU A 415 23.30 -3.43 22.13
N PRO A 416 24.59 -3.08 22.05
CA PRO A 416 25.63 -4.11 22.07
C PRO A 416 26.07 -4.43 23.49
N ASP A 417 26.37 -5.72 23.72
CA ASP A 417 26.97 -6.14 24.99
C ASP A 417 28.40 -5.61 25.06
N THR A 418 28.63 -4.61 25.90
CA THR A 418 29.93 -3.98 26.02
C THR A 418 30.71 -4.43 27.24
N ARG A 419 30.13 -5.28 28.08
CA ARG A 419 30.88 -5.81 29.22
C ARG A 419 32.14 -6.56 28.81
N PRO A 420 32.14 -7.44 27.79
CA PRO A 420 33.35 -8.22 27.50
C PRO A 420 34.47 -7.33 26.98
N GLN A 421 35.70 -7.65 27.38
CA GLN A 421 36.87 -7.00 26.82
C GLN A 421 36.93 -7.28 25.32
N GLY A 422 37.13 -6.23 24.54
CA GLY A 422 37.13 -6.31 23.09
C GLY A 422 36.02 -5.54 22.43
N ALA A 423 34.94 -5.24 23.17
CA ALA A 423 33.91 -4.36 22.64
C ALA A 423 34.51 -2.99 22.32
N ARG A 424 35.34 -2.45 23.21
CA ARG A 424 36.03 -1.20 22.91
C ARG A 424 36.96 -1.37 21.71
N GLU A 425 37.63 -2.52 21.62
CA GLU A 425 38.50 -2.79 20.48
C GLU A 425 37.72 -2.86 19.18
N TYR A 426 36.47 -3.31 19.24
CA TYR A 426 35.67 -3.41 18.03
C TYR A 426 35.03 -2.08 17.64
N PHE A 427 34.59 -1.29 18.63
CA PHE A 427 33.78 -0.12 18.35
C PHE A 427 34.59 1.16 18.23
N ALA A 428 35.76 1.25 18.88
CA ALA A 428 36.54 2.49 18.81
C ALA A 428 36.99 2.83 17.40
N PRO A 429 37.59 1.91 16.62
CA PRO A 429 37.92 2.26 15.23
C PRO A 429 36.72 2.67 14.40
N LEU A 430 35.52 2.14 14.71
CA LEU A 430 34.33 2.54 13.97
C LEU A 430 33.89 3.96 14.34
N ALA A 431 34.09 4.36 15.60
CA ALA A 431 33.82 5.75 15.97
C ALA A 431 34.81 6.68 15.27
N GLU A 432 36.10 6.33 15.29
CA GLU A 432 37.08 7.17 14.60
C GLU A 432 36.74 7.29 13.11
N ALA A 433 36.43 6.16 12.47
CA ALA A 433 36.16 6.17 11.03
C ALA A 433 34.90 6.95 10.71
N THR A 434 33.86 6.81 11.53
CA THR A 434 32.62 7.54 11.28
C THR A 434 32.82 9.04 11.48
N ARG A 435 33.60 9.43 12.49
CA ARG A 435 33.91 10.84 12.67
C ARG A 435 34.70 11.39 11.48
N LYS A 436 35.59 10.57 10.92
CA LYS A 436 36.34 11.00 9.73
C LYS A 436 35.47 11.04 8.48
N LEU A 437 34.37 10.29 8.45
CA LEU A 437 33.51 10.26 7.27
C LEU A 437 32.57 11.46 7.23
N ASP A 438 31.91 11.78 8.33
CA ASP A 438 30.94 12.87 8.37
C ASP A 438 31.16 13.70 9.63
N PRO A 439 31.94 14.77 9.54
CA PRO A 439 32.23 15.58 10.74
C PRO A 439 31.12 16.53 11.15
N THR A 440 30.09 16.72 10.33
CA THR A 440 29.08 17.74 10.60
C THR A 440 28.01 17.32 11.61
N ARG A 441 28.00 16.07 12.04
CA ARG A 441 26.91 15.60 12.89
C ARG A 441 27.46 14.88 14.12
N PRO A 442 26.74 14.93 15.24
CA PRO A 442 27.11 14.11 16.39
C PRO A 442 26.89 12.63 16.12
N ILE A 443 27.56 11.82 16.93
CA ILE A 443 27.54 10.37 16.80
C ILE A 443 27.09 9.77 18.13
N THR A 444 26.49 8.58 18.07
CA THR A 444 25.96 7.96 19.28
C THR A 444 25.96 6.45 19.13
N CYS A 445 25.76 5.78 20.26
CA CYS A 445 25.58 4.33 20.29
C CYS A 445 24.51 4.03 21.34
N VAL A 446 23.39 3.47 20.89
CA VAL A 446 22.26 3.23 21.79
C VAL A 446 22.65 2.18 22.83
N ASN A 447 22.43 2.50 24.10
CA ASN A 447 22.98 1.72 25.21
C ASN A 447 21.96 0.71 25.71
N VAL A 448 22.43 -0.53 25.94
CA VAL A 448 21.57 -1.61 26.45
C VAL A 448 21.34 -1.36 27.93
N MET A 449 20.37 -2.07 28.50
CA MET A 449 19.97 -1.77 29.88
C MET A 449 20.93 -2.39 30.89
N PHE A 450 21.40 -3.61 30.67
CA PHE A 450 22.29 -4.25 31.63
C PHE A 450 23.73 -3.75 31.53
N CYS A 451 23.99 -2.72 30.74
CA CYS A 451 25.25 -1.98 30.76
C CYS A 451 25.00 -0.59 31.33
N ASP A 452 24.71 -0.54 32.62
CA ASP A 452 24.48 0.76 33.26
C ASP A 452 25.80 1.51 33.39
N ALA A 453 25.74 2.65 34.08
CA ALA A 453 26.87 3.58 34.08
C ALA A 453 28.12 3.01 34.74
N HIS A 454 27.98 1.95 35.54
CA HIS A 454 29.09 1.43 36.33
C HIS A 454 29.74 0.21 35.70
N THR A 455 29.21 -0.31 34.59
CA THR A 455 29.81 -1.43 33.89
C THR A 455 30.12 -1.16 32.42
N ASP A 456 29.55 -0.12 31.84
CA ASP A 456 29.78 0.17 30.43
C ASP A 456 31.21 0.63 30.20
N THR A 457 31.68 0.45 28.96
CA THR A 457 33.04 0.84 28.60
C THR A 457 33.11 1.28 27.14
N ILE A 458 32.08 1.98 26.67
CA ILE A 458 32.00 2.32 25.25
C ILE A 458 31.44 3.71 25.05
N SER A 459 30.62 4.19 25.99
CA SER A 459 29.86 5.41 25.78
C SER A 459 30.72 6.66 25.75
N ASP A 460 32.03 6.53 26.02
CA ASP A 460 32.91 7.68 26.02
C ASP A 460 33.26 8.13 24.60
N LEU A 461 33.23 7.21 23.64
CA LEU A 461 33.61 7.50 22.26
C LEU A 461 32.55 8.29 21.50
N PHE A 462 31.38 8.50 22.08
CA PHE A 462 30.25 9.07 21.37
C PHE A 462 29.82 10.38 22.01
N ASP A 463 29.21 11.25 21.21
CA ASP A 463 28.89 12.60 21.67
C ASP A 463 27.63 12.64 22.52
N VAL A 464 26.61 11.86 22.14
CA VAL A 464 25.33 11.85 22.83
C VAL A 464 25.15 10.49 23.48
N LEU A 465 24.64 10.48 24.70
CA LEU A 465 24.34 9.25 25.41
C LEU A 465 22.88 8.90 25.19
N CYS A 466 22.62 7.85 24.42
CA CYS A 466 21.29 7.32 24.24
C CYS A 466 21.09 6.14 25.18
N LEU A 467 19.92 6.08 25.82
CA LEU A 467 19.64 5.06 26.81
C LEU A 467 18.33 4.34 26.48
N ASN A 468 18.34 3.02 26.66
CA ASN A 468 17.13 2.21 26.65
C ASN A 468 16.95 1.64 28.04
N ARG A 469 15.91 2.10 28.75
CA ARG A 469 15.68 1.67 30.12
C ARG A 469 14.27 1.12 30.25
N TYR A 470 14.14 0.06 31.05
CA TYR A 470 12.86 -0.60 31.30
C TYR A 470 12.75 -0.97 32.77
N TYR A 471 13.21 -0.08 33.65
CA TYR A 471 13.00 -0.25 35.07
C TYR A 471 11.51 -0.29 35.36
N GLY A 472 11.07 -1.33 36.07
CA GLY A 472 9.68 -1.55 36.36
C GLY A 472 9.00 -2.55 35.44
N TRP A 473 9.63 -2.88 34.31
CA TRP A 473 9.07 -3.90 33.43
C TRP A 473 9.88 -5.19 33.50
N TYR A 474 11.03 -5.23 32.82
CA TYR A 474 11.84 -6.44 32.82
C TYR A 474 12.45 -6.70 34.20
N VAL A 475 12.83 -5.63 34.91
CA VAL A 475 13.29 -5.71 36.29
C VAL A 475 12.36 -4.85 37.13
N GLN A 476 12.21 -5.24 38.41
CA GLN A 476 11.25 -4.60 39.32
C GLN A 476 9.82 -4.75 38.80
N SER A 477 9.51 -5.94 38.27
CA SER A 477 8.26 -6.19 37.55
C SER A 477 7.02 -5.73 38.32
N GLY A 478 6.43 -4.62 37.89
CA GLY A 478 5.24 -4.07 38.50
C GLY A 478 5.47 -3.07 39.61
N ASP A 479 6.73 -2.75 39.92
CA ASP A 479 7.07 -1.86 41.04
C ASP A 479 7.42 -0.47 40.51
N LEU A 480 6.49 0.47 40.67
CA LEU A 480 6.76 1.85 40.30
C LEU A 480 7.56 2.58 41.37
N GLU A 481 7.21 2.36 42.64
CA GLU A 481 7.89 3.01 43.75
C GLU A 481 9.38 2.74 43.75
N THR A 482 9.80 1.56 43.29
CA THR A 482 11.21 1.20 43.23
C THR A 482 11.86 1.59 41.91
N ALA A 483 11.16 1.36 40.79
CA ALA A 483 11.70 1.70 39.48
C ALA A 483 11.95 3.20 39.36
N GLU A 484 11.17 4.02 40.07
CA GLU A 484 11.45 5.45 40.09
C GLU A 484 12.81 5.74 40.71
N LYS A 485 13.07 5.15 41.88
CA LYS A 485 14.35 5.36 42.56
C LYS A 485 15.52 4.85 41.74
N VAL A 486 15.40 3.62 41.22
CA VAL A 486 16.49 3.04 40.43
C VAL A 486 16.74 3.88 39.17
N LEU A 487 15.66 4.21 38.44
CA LEU A 487 15.80 4.98 37.21
C LEU A 487 16.47 6.33 37.46
N GLU A 488 15.97 7.07 38.45
CA GLU A 488 16.57 8.37 38.76
C GLU A 488 18.03 8.21 39.17
N LYS A 489 18.33 7.19 39.97
CA LYS A 489 19.70 7.01 40.45
C LYS A 489 20.65 6.74 39.30
N GLU A 490 20.31 5.79 38.42
CA GLU A 490 21.21 5.48 37.31
C GLU A 490 21.29 6.65 36.33
N LEU A 491 20.23 7.44 36.19
CA LEU A 491 20.29 8.62 35.32
C LEU A 491 21.29 9.64 35.86
N LEU A 492 21.20 9.94 37.16
CA LEU A 492 22.17 10.85 37.76
C LEU A 492 23.58 10.25 37.80
N ALA A 493 23.70 8.93 37.78
CA ALA A 493 25.02 8.32 37.68
C ALA A 493 25.61 8.52 36.29
N TRP A 494 24.80 8.33 35.24
CA TRP A 494 25.27 8.62 33.89
C TRP A 494 25.69 10.08 33.77
N GLN A 495 24.91 10.99 34.39
CA GLN A 495 25.30 12.40 34.39
C GLN A 495 26.64 12.59 35.09
N GLU A 496 26.79 12.04 36.30
CA GLU A 496 28.02 12.19 37.05
C GLU A 496 29.22 11.58 36.32
N LYS A 497 28.98 10.64 35.40
CA LYS A 497 30.06 9.96 34.71
C LYS A 497 30.50 10.70 33.46
N LEU A 498 29.56 11.01 32.55
CA LEU A 498 29.95 11.49 31.23
C LEU A 498 29.57 12.93 30.93
N HIS A 499 28.68 13.54 31.72
CA HIS A 499 28.29 14.95 31.53
C HIS A 499 27.84 15.21 30.09
N GLN A 500 27.12 14.26 29.52
CA GLN A 500 26.67 14.30 28.14
C GLN A 500 25.17 14.55 28.07
N PRO A 501 24.67 15.01 26.91
CA PRO A 501 23.22 15.06 26.72
C PRO A 501 22.67 13.65 26.63
N ILE A 502 21.64 13.36 27.41
CA ILE A 502 21.11 12.01 27.54
C ILE A 502 19.73 11.97 26.88
N ILE A 503 19.63 11.27 25.76
CA ILE A 503 18.35 10.99 25.12
C ILE A 503 17.93 9.58 25.48
N ILE A 504 16.76 9.44 26.07
CA ILE A 504 16.19 8.11 26.29
C ILE A 504 15.50 7.73 24.99
N THR A 505 16.11 6.81 24.24
CA THR A 505 15.62 6.42 22.93
C THR A 505 14.66 5.22 22.99
N GLU A 506 14.53 4.57 24.15
CA GLU A 506 13.56 3.49 24.32
C GLU A 506 13.05 3.52 25.75
N TYR A 507 11.74 3.60 25.93
CA TYR A 507 11.12 3.34 27.22
C TYR A 507 9.63 3.05 27.00
N GLY A 508 9.22 1.81 27.28
CA GLY A 508 7.87 1.39 27.01
C GLY A 508 7.57 0.07 27.67
N VAL A 509 6.28 -0.30 27.67
CA VAL A 509 5.81 -1.53 28.28
C VAL A 509 4.76 -2.17 27.39
N ASP A 510 4.69 -3.50 27.45
CA ASP A 510 3.69 -4.24 26.67
C ASP A 510 2.30 -3.97 27.20
N THR A 511 1.32 -3.93 26.27
CA THR A 511 -0.04 -3.57 26.63
C THR A 511 -1.02 -4.20 25.65
N LEU A 512 -1.82 -5.15 26.12
CA LEU A 512 -2.92 -5.67 25.32
C LEU A 512 -3.97 -4.58 25.15
N ALA A 513 -4.07 -4.03 23.95
CA ALA A 513 -5.01 -2.95 23.68
C ALA A 513 -6.44 -3.39 23.98
N GLY A 514 -6.87 -3.22 25.22
CA GLY A 514 -8.19 -3.66 25.63
C GLY A 514 -8.18 -4.33 26.98
N LEU A 515 -6.99 -4.50 27.54
CA LEU A 515 -6.82 -5.10 28.87
C LEU A 515 -6.87 -3.97 29.90
N HIS A 516 -7.84 -4.04 30.80
CA HIS A 516 -8.00 -3.05 31.86
C HIS A 516 -8.00 -3.74 33.21
N SER A 517 -7.66 -2.97 34.25
CA SER A 517 -7.64 -3.49 35.61
C SER A 517 -7.65 -2.34 36.59
N MET A 518 -8.40 -2.51 37.69
CA MET A 518 -8.43 -1.49 38.73
C MET A 518 -7.12 -1.41 39.51
N TYR A 519 -6.30 -2.46 39.45
CA TYR A 519 -5.06 -2.53 40.22
C TYR A 519 -3.87 -1.95 39.48
N THR A 520 -4.06 -1.53 38.22
CA THR A 520 -3.02 -0.92 37.39
C THR A 520 -1.75 -1.78 37.37
N ASP A 521 -1.92 -3.06 37.09
CA ASP A 521 -0.84 -4.02 37.02
C ASP A 521 -0.39 -4.20 35.56
N MET A 522 0.72 -4.92 35.39
CA MET A 522 1.37 -5.06 34.09
C MET A 522 0.39 -5.58 33.03
N TRP A 523 0.64 -5.18 31.79
CA TRP A 523 -0.06 -5.53 30.55
C TRP A 523 -1.38 -4.77 30.39
N SER A 524 -1.84 -4.02 31.38
CA SER A 524 -3.04 -3.21 31.21
C SER A 524 -2.68 -1.84 30.67
N GLU A 525 -3.68 -1.17 30.10
CA GLU A 525 -3.46 0.17 29.58
C GLU A 525 -3.19 1.16 30.71
N GLU A 526 -3.85 0.98 31.85
CA GLU A 526 -3.59 1.81 33.02
C GLU A 526 -2.13 1.71 33.45
N TYR A 527 -1.52 0.53 33.31
CA TYR A 527 -0.12 0.39 33.66
C TYR A 527 0.78 1.11 32.66
N GLN A 528 0.43 1.04 31.37
CA GLN A 528 1.18 1.81 30.38
C GLN A 528 1.15 3.29 30.71
N CYS A 529 -0.04 3.81 31.05
CA CYS A 529 -0.17 5.23 31.36
C CYS A 529 0.62 5.59 32.63
N ALA A 530 0.39 4.86 33.72
CA ALA A 530 1.07 5.18 34.97
C ALA A 530 2.58 5.03 34.84
N TRP A 531 3.02 4.08 34.02
CA TRP A 531 4.44 3.80 33.87
C TRP A 531 5.12 4.90 33.07
N LEU A 532 4.56 5.24 31.90
CA LEU A 532 5.10 6.36 31.14
C LEU A 532 5.05 7.64 31.97
N ASP A 533 4.01 7.80 32.78
CA ASP A 533 3.86 9.00 33.59
C ASP A 533 5.00 9.12 34.60
N MET A 534 5.25 8.05 35.37
CA MET A 534 6.32 8.08 36.35
C MET A 534 7.68 8.27 35.67
N TYR A 535 7.90 7.59 34.54
CA TYR A 535 9.13 7.79 33.78
C TYR A 535 9.29 9.27 33.42
N HIS A 536 8.20 9.93 33.05
CA HIS A 536 8.26 11.36 32.73
C HIS A 536 8.59 12.19 33.96
N ARG A 537 8.03 11.83 35.12
CA ARG A 537 8.37 12.52 36.35
C ARG A 537 9.86 12.47 36.61
N VAL A 538 10.47 11.29 36.45
CA VAL A 538 11.91 11.21 36.64
C VAL A 538 12.64 12.02 35.57
N PHE A 539 12.14 11.98 34.34
CA PHE A 539 12.80 12.69 33.25
C PHE A 539 12.88 14.18 33.52
N ASP A 540 11.85 14.74 34.15
CA ASP A 540 11.77 16.19 34.25
C ASP A 540 12.74 16.78 35.27
N ARG A 541 13.28 15.98 36.19
CA ARG A 541 14.17 16.48 37.22
C ARG A 541 15.63 16.07 37.00
N VAL A 542 16.01 15.77 35.76
CA VAL A 542 17.40 15.51 35.41
C VAL A 542 17.78 16.49 34.31
N SER A 543 18.77 17.34 34.58
CA SER A 543 19.08 18.43 33.67
C SER A 543 19.64 17.94 32.34
N ALA A 544 20.35 16.81 32.35
CA ALA A 544 21.03 16.34 31.15
C ALA A 544 20.15 15.48 30.24
N VAL A 545 18.92 15.19 30.64
CA VAL A 545 18.01 14.44 29.78
C VAL A 545 17.48 15.43 28.74
N VAL A 546 18.07 15.37 27.54
CA VAL A 546 17.75 16.32 26.48
C VAL A 546 16.72 15.76 25.52
N GLY A 547 16.15 14.60 25.82
CA GLY A 547 15.17 14.01 24.93
C GLY A 547 14.58 12.70 25.41
N GLU A 548 13.31 12.48 25.08
CA GLU A 548 12.60 11.25 25.40
C GLU A 548 12.00 10.68 24.14
N GLN A 549 12.07 9.37 23.98
CA GLN A 549 11.57 8.71 22.77
C GLN A 549 10.99 7.36 23.16
N VAL A 550 9.65 7.29 23.22
CA VAL A 550 8.99 6.07 23.70
C VAL A 550 9.38 4.89 22.81
N TRP A 551 9.42 3.70 23.42
CA TRP A 551 9.58 2.48 22.62
C TRP A 551 8.26 2.11 21.96
N ASN A 552 7.94 2.90 20.93
CA ASN A 552 7.42 2.43 19.66
C ASN A 552 6.01 2.89 19.33
N PHE A 553 5.92 3.55 18.17
CA PHE A 553 4.68 3.94 17.51
C PHE A 553 3.57 2.89 17.61
N ALA A 554 3.85 1.67 17.17
CA ALA A 554 2.81 0.67 17.10
C ALA A 554 3.41 -0.72 17.22
N ASP A 555 2.57 -1.68 17.65
CA ASP A 555 2.99 -3.06 17.75
C ASP A 555 3.50 -3.57 16.41
N PHE A 556 4.61 -4.32 16.46
CA PHE A 556 5.24 -4.87 15.27
C PHE A 556 5.41 -6.37 15.44
N ALA A 557 5.76 -7.03 14.35
CA ALA A 557 5.88 -8.48 14.31
C ALA A 557 7.29 -8.90 14.71
N THR A 558 7.38 -9.88 15.59
CA THR A 558 8.63 -10.45 16.05
C THR A 558 8.66 -11.93 15.73
N SER A 559 9.80 -12.56 16.00
CA SER A 559 9.85 -14.01 15.89
C SER A 559 9.01 -14.64 17.00
N GLN A 560 8.74 -15.93 16.84
CA GLN A 560 7.92 -16.64 17.82
C GLN A 560 8.71 -16.83 19.12
N GLY A 561 8.12 -16.39 20.23
CA GLY A 561 8.73 -16.56 21.54
C GLY A 561 7.69 -16.56 22.63
N ILE A 562 8.14 -16.93 23.83
CA ILE A 562 7.26 -16.90 24.99
C ILE A 562 7.24 -15.54 25.67
N LEU A 563 7.92 -14.54 25.12
CA LEU A 563 7.82 -13.18 25.60
C LEU A 563 7.06 -12.27 24.64
N ARG A 564 6.70 -12.77 23.46
CA ARG A 564 6.08 -11.98 22.40
C ARG A 564 4.71 -12.55 22.11
N VAL A 565 3.66 -11.84 22.50
CA VAL A 565 2.28 -12.28 22.31
C VAL A 565 1.81 -11.70 20.98
N GLY A 566 1.96 -12.49 19.91
CA GLY A 566 1.70 -11.97 18.58
C GLY A 566 2.60 -10.80 18.24
N GLY A 567 3.89 -10.92 18.55
CA GLY A 567 4.81 -9.84 18.35
C GLY A 567 4.96 -8.98 19.58
N ASN A 568 5.73 -7.90 19.41
CA ASN A 568 5.95 -6.94 20.46
C ASN A 568 4.71 -6.07 20.63
N LYS A 569 4.22 -5.96 21.87
CA LYS A 569 3.01 -5.21 22.17
C LYS A 569 3.30 -3.94 22.97
N LYS A 570 4.49 -3.36 22.79
CA LYS A 570 4.88 -2.16 23.51
C LYS A 570 4.49 -0.88 22.78
N GLY A 571 3.61 -0.96 21.79
CA GLY A 571 3.31 0.19 20.99
C GLY A 571 2.29 1.12 21.62
N ILE A 572 2.43 2.41 21.31
CA ILE A 572 1.41 3.38 21.67
C ILE A 572 0.13 3.10 20.90
N PHE A 573 0.27 2.72 19.63
CA PHE A 573 -0.83 2.34 18.75
C PHE A 573 -0.76 0.84 18.46
N THR A 574 -1.86 0.30 17.94
CA THR A 574 -1.88 -1.09 17.50
C THR A 574 -1.28 -1.19 16.09
N ARG A 575 -1.20 -2.41 15.57
CA ARG A 575 -0.60 -2.59 14.25
C ARG A 575 -1.43 -1.93 13.16
N ASP A 576 -2.75 -1.86 13.33
CA ASP A 576 -3.63 -1.19 12.38
C ASP A 576 -3.81 0.29 12.69
N ARG A 577 -2.91 0.86 13.50
CA ARG A 577 -2.88 2.30 13.80
C ARG A 577 -4.10 2.74 14.59
N LYS A 578 -4.37 2.06 15.70
CA LYS A 578 -5.42 2.44 16.63
C LYS A 578 -4.81 2.80 17.97
N PRO A 579 -5.24 3.89 18.61
CA PRO A 579 -4.55 4.36 19.82
C PRO A 579 -4.96 3.58 21.05
N LYS A 580 -3.98 3.18 21.85
CA LYS A 580 -4.26 2.67 23.18
C LYS A 580 -4.55 3.85 24.10
N SER A 581 -4.83 3.56 25.37
CA SER A 581 -5.21 4.64 26.28
C SER A 581 -4.07 5.64 26.50
N ALA A 582 -2.82 5.18 26.39
CA ALA A 582 -1.69 6.06 26.68
C ALA A 582 -1.43 7.09 25.59
N ALA A 583 -1.99 6.88 24.39
CA ALA A 583 -1.76 7.82 23.30
C ALA A 583 -2.26 9.21 23.64
N PHE A 584 -3.34 9.30 24.42
CA PHE A 584 -3.90 10.60 24.77
C PHE A 584 -3.18 11.23 25.95
N LEU A 585 -2.59 10.42 26.82
CA LEU A 585 -1.65 10.95 27.80
C LEU A 585 -0.46 11.61 27.11
N LEU A 586 0.16 10.89 26.16
CA LEU A 586 1.25 11.47 25.39
C LEU A 586 0.79 12.68 24.58
N GLN A 587 -0.45 12.65 24.10
CA GLN A 587 -1.02 13.82 23.44
C GLN A 587 -0.98 15.03 24.38
N LYS A 588 -1.55 14.88 25.58
CA LYS A 588 -1.55 15.96 26.56
C LYS A 588 -0.14 16.48 26.81
N ARG A 589 0.79 15.57 27.14
CA ARG A 589 2.13 15.99 27.53
C ARG A 589 2.83 16.71 26.39
N TRP A 590 2.99 16.03 25.25
CA TRP A 590 3.81 16.59 24.18
C TRP A 590 3.18 17.82 23.56
N THR A 591 1.87 17.80 23.31
CA THR A 591 1.29 18.98 22.70
C THR A 591 1.08 20.11 23.69
N GLY A 592 1.18 19.84 25.00
CA GLY A 592 1.05 20.90 25.99
C GLY A 592 2.31 21.69 26.26
N MET A 593 3.48 21.12 25.97
CA MET A 593 4.73 21.81 26.23
C MET A 593 5.08 22.75 25.07
N ASN A 594 5.96 23.69 25.36
CA ASN A 594 6.45 24.58 24.31
C ASN A 594 7.30 23.79 23.33
N PHE A 595 7.15 24.09 22.05
CA PHE A 595 7.81 23.30 21.02
C PHE A 595 9.33 23.38 21.15
N GLY A 596 9.99 22.24 21.00
CA GLY A 596 11.44 22.17 21.03
C GLY A 596 12.08 22.52 22.35
N GLU A 597 11.32 22.61 23.42
CA GLU A 597 11.84 22.99 24.74
C GLU A 597 11.51 21.93 25.77
N LYS A 598 12.42 21.75 26.71
CA LYS A 598 12.24 20.81 27.81
C LYS A 598 11.32 21.42 28.87
N PRO A 599 10.42 20.64 29.48
CA PRO A 599 9.54 21.18 30.51
C PRO A 599 10.32 21.84 31.63
N GLN A 600 9.73 22.89 32.21
CA GLN A 600 10.38 23.70 33.24
C GLN A 600 10.33 22.98 34.59
N GLN A 601 10.91 21.77 34.60
CA GLN A 601 10.92 20.89 35.78
C GLN A 601 9.52 20.68 36.34
N GLY A 602 8.51 20.78 35.48
CA GLY A 602 7.13 20.62 35.90
C GLY A 602 6.17 21.55 35.18
N GLY A 603 4.96 21.07 34.90
CA GLY A 603 3.96 21.85 34.20
C GLY A 603 3.35 22.96 35.05
N ARG B 1 -7.69 -0.67 -21.91
CA ARG B 1 -6.59 -0.65 -20.95
C ARG B 1 -5.25 -0.61 -21.68
N PRO B 2 -4.35 0.27 -21.22
CA PRO B 2 -3.12 0.53 -21.98
C PRO B 2 -2.04 -0.54 -21.80
N VAL B 3 -1.37 -0.86 -22.91
CA VAL B 3 -0.06 -1.48 -22.93
C VAL B 3 0.75 -0.65 -23.93
N GLU B 4 1.97 -1.07 -24.26
CA GLU B 4 2.76 -0.35 -25.25
C GLU B 4 3.71 -1.32 -25.95
N THR B 5 4.36 -0.82 -27.01
CA THR B 5 5.44 -1.51 -27.70
C THR B 5 6.28 -0.56 -28.55
N GLU B 9 4.68 3.85 -21.11
CA GLU B 9 4.17 5.12 -20.59
C GLU B 9 4.83 5.49 -19.27
N ILE B 10 4.56 6.70 -18.78
CA ILE B 10 4.98 7.13 -17.46
C ILE B 10 3.74 7.13 -16.58
N LYS B 11 3.69 6.19 -15.63
CA LYS B 11 2.56 6.04 -14.71
C LYS B 11 2.57 7.20 -13.73
N LYS B 12 1.68 8.16 -13.95
CA LYS B 12 1.71 9.42 -13.23
C LYS B 12 1.26 9.30 -11.78
N LEU B 13 0.72 8.16 -11.37
CA LEU B 13 0.24 7.97 -10.01
C LEU B 13 1.38 7.76 -9.01
N ASP B 14 2.62 7.92 -9.44
CA ASP B 14 3.75 7.71 -8.53
C ASP B 14 3.76 8.76 -7.42
N GLY B 15 4.08 8.31 -6.22
CA GLY B 15 4.35 9.23 -5.13
C GLY B 15 3.12 10.00 -4.66
N LEU B 16 3.37 11.22 -4.21
CA LEU B 16 2.40 12.02 -3.50
C LEU B 16 1.87 13.14 -4.38
N TRP B 17 0.64 13.57 -4.08
CA TRP B 17 0.01 14.71 -4.70
C TRP B 17 -0.31 15.76 -3.65
N ALA B 18 -0.49 17.00 -4.10
CA ALA B 18 -0.98 18.07 -3.25
C ALA B 18 -2.48 17.96 -3.11
N PHE B 19 -2.97 18.02 -1.87
CA PHE B 19 -4.37 17.85 -1.55
C PHE B 19 -4.88 19.06 -0.77
N SER B 20 -6.08 19.51 -1.12
CA SER B 20 -6.67 20.67 -0.47
C SER B 20 -8.18 20.49 -0.40
N LEU B 21 -8.78 21.08 0.62
CA LEU B 21 -10.23 21.08 0.80
C LEU B 21 -10.82 22.40 0.30
N ASP B 22 -12.09 22.35 -0.07
CA ASP B 22 -12.83 23.56 -0.45
C ASP B 22 -14.10 23.64 0.38
N ARG B 23 -13.95 24.12 1.62
CA ARG B 23 -15.11 24.23 2.50
C ARG B 23 -16.00 25.41 2.10
N GLU B 24 -15.41 26.57 1.82
CA GLU B 24 -16.17 27.72 1.38
C GLU B 24 -16.63 27.63 -0.07
N ASN B 25 -16.20 26.59 -0.79
CA ASN B 25 -16.56 26.40 -2.20
C ASN B 25 -16.09 27.57 -3.05
N CYS B 26 -14.79 27.87 -2.96
CA CYS B 26 -14.17 28.94 -3.72
C CYS B 26 -13.38 28.45 -4.93
N GLY B 27 -13.12 27.15 -5.03
CA GLY B 27 -12.21 26.59 -6.01
C GLY B 27 -12.50 26.95 -7.46
N ILE B 28 -13.65 26.51 -7.98
CA ILE B 28 -13.97 26.74 -9.38
C ILE B 28 -14.10 28.23 -9.69
N ASP B 29 -14.59 29.01 -8.73
CA ASP B 29 -14.76 30.45 -8.96
C ASP B 29 -13.42 31.16 -9.00
N GLN B 30 -12.57 30.93 -8.00
CA GLN B 30 -11.28 31.60 -7.91
C GLN B 30 -10.20 30.93 -8.74
N ARG B 31 -10.55 29.92 -9.55
CA ARG B 31 -9.63 29.27 -10.48
C ARG B 31 -8.39 28.75 -9.76
N TRP B 32 -8.62 27.79 -8.85
CA TRP B 32 -7.53 27.20 -8.09
C TRP B 32 -6.62 26.33 -8.95
N TRP B 33 -7.10 25.83 -10.09
CA TRP B 33 -6.28 24.98 -10.94
C TRP B 33 -5.21 25.77 -11.69
N GLU B 34 -5.41 27.06 -11.89
CA GLU B 34 -4.43 27.90 -12.57
C GLU B 34 -3.28 28.33 -11.67
N SER B 35 -3.21 27.80 -10.45
CA SER B 35 -2.13 28.10 -9.52
C SER B 35 -1.90 26.88 -8.64
N ALA B 36 -0.79 26.90 -7.91
CA ALA B 36 -0.52 25.85 -6.94
C ALA B 36 -1.45 25.99 -5.75
N LEU B 37 -1.95 24.87 -5.25
CA LEU B 37 -2.90 24.87 -4.15
C LEU B 37 -2.35 25.61 -2.94
N GLN B 38 -3.02 26.68 -2.54
CA GLN B 38 -2.63 27.38 -1.32
C GLN B 38 -3.06 26.57 -0.11
N GLU B 39 -2.13 26.38 0.83
CA GLU B 39 -2.34 25.56 2.02
C GLU B 39 -2.77 24.14 1.65
N SER B 40 -1.82 23.41 1.09
CA SER B 40 -2.01 22.04 0.67
C SER B 40 -1.27 21.10 1.61
N ARG B 41 -1.60 19.81 1.51
CA ARG B 41 -0.90 18.78 2.27
C ARG B 41 -0.78 17.52 1.43
N ALA B 42 0.26 16.74 1.73
CA ALA B 42 0.56 15.57 0.92
C ALA B 42 -0.51 14.50 1.05
N ILE B 43 -0.88 13.90 -0.09
CA ILE B 43 -1.85 12.82 -0.13
C ILE B 43 -1.32 11.74 -1.06
N ALA B 44 -1.75 10.51 -0.82
CA ALA B 44 -1.25 9.35 -1.54
C ALA B 44 -2.31 8.86 -2.52
N VAL B 45 -1.89 8.62 -3.77
CA VAL B 45 -2.75 7.97 -4.75
C VAL B 45 -2.07 6.67 -5.18
N PRO B 46 -2.81 5.57 -5.33
CA PRO B 46 -4.25 5.49 -5.08
C PRO B 46 -4.59 5.35 -3.59
N GLY B 47 -5.75 5.87 -3.21
CA GLY B 47 -6.20 5.82 -1.83
C GLY B 47 -7.31 6.81 -1.53
N SER B 48 -8.31 6.38 -0.78
CA SER B 48 -9.38 7.28 -0.37
C SER B 48 -8.84 8.33 0.58
N PHE B 49 -9.29 9.57 0.38
CA PHE B 49 -8.81 10.67 1.21
C PHE B 49 -9.40 10.69 2.60
N ASN B 50 -10.42 9.85 2.88
CA ASN B 50 -11.13 9.97 4.15
C ASN B 50 -10.29 9.45 5.31
N ASP B 51 -9.80 8.22 5.20
CA ASP B 51 -9.08 7.57 6.29
C ASP B 51 -7.61 7.98 6.37
N GLN B 52 -7.12 8.80 5.45
CA GLN B 52 -5.68 8.93 5.25
C GLN B 52 -5.02 9.78 6.33
N PHE B 53 -5.74 10.70 6.96
CA PHE B 53 -5.13 11.68 7.85
C PHE B 53 -5.59 11.57 9.29
N ALA B 54 -6.33 10.52 9.65
CA ALA B 54 -6.83 10.31 11.00
C ALA B 54 -7.64 11.51 11.51
N ASP B 55 -8.10 12.35 10.58
CA ASP B 55 -8.86 13.55 10.91
C ASP B 55 -10.34 13.23 10.82
N ALA B 56 -11.06 13.43 11.93
CA ALA B 56 -12.49 13.16 11.92
C ALA B 56 -13.22 14.07 10.96
N ASP B 57 -12.82 15.35 10.89
CA ASP B 57 -13.49 16.30 10.02
C ASP B 57 -13.21 16.04 8.55
N ILE B 58 -12.00 15.55 8.23
CA ILE B 58 -11.68 15.23 6.85
C ILE B 58 -12.42 13.98 6.40
N ARG B 59 -12.65 13.03 7.31
CA ARG B 59 -13.22 11.74 6.91
C ARG B 59 -14.64 11.88 6.38
N ASN B 60 -15.46 12.73 7.01
CA ASN B 60 -16.85 12.86 6.63
C ASN B 60 -17.12 14.08 5.77
N TYR B 61 -16.07 14.80 5.35
CA TYR B 61 -16.26 16.02 4.58
C TYR B 61 -16.99 15.73 3.27
N ALA B 62 -18.02 16.52 3.00
CA ALA B 62 -18.84 16.39 1.79
C ALA B 62 -18.77 17.71 1.03
N GLY B 63 -18.06 17.71 -0.09
CA GLY B 63 -17.95 18.91 -0.91
C GLY B 63 -17.00 18.76 -2.08
N ASN B 64 -16.03 19.66 -2.17
CA ASN B 64 -15.06 19.67 -3.26
C ASN B 64 -13.64 19.52 -2.70
N VAL B 65 -12.91 18.54 -3.22
CA VAL B 65 -11.51 18.34 -2.88
C VAL B 65 -10.66 18.53 -4.13
N TRP B 66 -9.42 18.96 -3.92
CA TRP B 66 -8.53 19.34 -5.02
C TRP B 66 -7.22 18.59 -4.92
N TYR B 67 -6.92 17.79 -5.93
CA TYR B 67 -5.62 17.16 -6.13
C TYR B 67 -4.80 17.99 -7.11
N GLN B 68 -3.48 17.87 -7.00
CA GLN B 68 -2.60 18.61 -7.91
C GLN B 68 -1.23 17.95 -7.93
N ARG B 69 -0.60 17.91 -9.10
CA ARG B 69 0.72 17.31 -9.24
C ARG B 69 1.36 17.77 -10.53
N GLU B 70 2.61 18.23 -10.44
CA GLU B 70 3.38 18.51 -11.64
C GLU B 70 4.07 17.24 -12.13
N VAL B 71 4.28 17.16 -13.44
CA VAL B 71 4.86 15.98 -14.07
C VAL B 71 5.70 16.41 -15.26
N PHE B 72 6.69 15.59 -15.59
CA PHE B 72 7.52 15.78 -16.77
C PHE B 72 7.04 14.86 -17.88
N ILE B 73 6.74 15.44 -19.03
CA ILE B 73 6.32 14.67 -20.20
C ILE B 73 7.57 14.23 -20.95
N PRO B 74 7.79 12.93 -21.12
CA PRO B 74 9.06 12.44 -21.68
C PRO B 74 9.29 12.95 -23.10
N LYS B 75 10.57 13.19 -23.41
CA LYS B 75 10.94 13.73 -24.72
C LYS B 75 10.65 12.76 -25.85
N GLY B 76 10.72 11.45 -25.58
CA GLY B 76 10.52 10.46 -26.62
C GLY B 76 9.15 10.46 -27.25
N TRP B 77 8.20 11.22 -26.70
CA TRP B 77 6.86 11.28 -27.26
C TRP B 77 6.65 12.61 -27.99
N ALA B 78 7.49 12.90 -28.97
CA ALA B 78 7.43 14.17 -29.67
C ALA B 78 6.16 14.31 -30.50
N GLY B 79 6.05 13.53 -31.57
CA GLY B 79 4.94 13.66 -32.49
C GLY B 79 3.82 12.67 -32.31
N GLN B 80 3.80 11.98 -31.16
CA GLN B 80 2.72 11.06 -30.84
C GLN B 80 1.69 11.75 -29.97
N ARG B 81 0.46 11.23 -30.03
CA ARG B 81 -0.61 11.80 -29.21
C ARG B 81 -0.41 11.40 -27.76
N ILE B 82 -0.45 12.40 -26.88
CA ILE B 82 -0.28 12.22 -25.45
C ILE B 82 -1.67 12.21 -24.82
N VAL B 83 -1.99 11.15 -24.10
CA VAL B 83 -3.33 10.95 -23.53
C VAL B 83 -3.20 10.80 -22.03
N LEU B 84 -4.11 11.45 -21.30
CA LEU B 84 -4.14 11.38 -19.84
C LEU B 84 -5.31 10.52 -19.42
N ARG B 85 -5.02 9.44 -18.68
CA ARG B 85 -6.03 8.47 -18.27
C ARG B 85 -6.16 8.46 -16.76
N PHE B 86 -7.38 8.59 -16.27
CA PHE B 86 -7.71 8.40 -14.86
C PHE B 86 -8.47 7.09 -14.73
N ASP B 87 -7.82 6.08 -14.16
CA ASP B 87 -8.41 4.75 -14.09
C ASP B 87 -9.68 4.75 -13.25
N ALA B 88 -9.76 5.66 -12.28
CA ALA B 88 -10.95 5.82 -11.44
C ALA B 88 -10.81 7.06 -10.55
N VAL B 89 -11.75 7.98 -10.66
CA VAL B 89 -11.87 9.12 -9.75
C VAL B 89 -13.28 9.04 -9.18
N THR B 90 -13.39 8.77 -7.89
CA THR B 90 -14.65 8.31 -7.31
C THR B 90 -15.67 9.44 -7.22
N HIS B 91 -16.76 9.28 -7.97
CA HIS B 91 -18.00 10.04 -7.94
C HIS B 91 -17.97 11.19 -8.95
N TYR B 92 -17.08 12.17 -8.82
CA TYR B 92 -16.98 13.12 -9.92
C TYR B 92 -15.59 13.73 -9.96
N GLY B 93 -15.13 14.04 -11.18
CA GLY B 93 -13.81 14.62 -11.35
C GLY B 93 -13.70 15.51 -12.56
N LYS B 94 -13.07 16.67 -12.40
CA LYS B 94 -12.80 17.60 -13.50
C LYS B 94 -11.31 17.88 -13.53
N VAL B 95 -10.66 17.53 -14.64
CA VAL B 95 -9.21 17.52 -14.75
C VAL B 95 -8.77 18.67 -15.65
N TRP B 96 -7.74 19.40 -15.19
CA TRP B 96 -7.11 20.52 -15.85
C TRP B 96 -5.64 20.22 -16.08
N VAL B 97 -5.12 20.63 -17.24
CA VAL B 97 -3.72 20.46 -17.59
C VAL B 97 -3.15 21.84 -17.92
N ASN B 98 -2.50 22.47 -16.94
CA ASN B 98 -1.72 23.70 -17.14
C ASN B 98 -2.55 24.79 -17.82
N ASN B 99 -3.44 25.37 -17.01
CA ASN B 99 -4.29 26.52 -17.36
C ASN B 99 -5.34 26.21 -18.43
N GLN B 100 -5.54 24.95 -18.79
CA GLN B 100 -6.53 24.61 -19.81
C GLN B 100 -7.32 23.38 -19.35
N GLU B 101 -8.64 23.53 -19.35
CA GLU B 101 -9.54 22.49 -18.89
C GLU B 101 -9.67 21.40 -19.94
N VAL B 102 -9.37 20.15 -19.57
CA VAL B 102 -9.40 19.04 -20.50
C VAL B 102 -10.64 18.17 -20.31
N MET B 103 -10.91 17.67 -19.10
CA MET B 103 -11.89 16.58 -19.02
C MET B 103 -12.72 16.67 -17.74
N GLU B 104 -13.72 15.77 -17.66
CA GLU B 104 -14.64 15.64 -16.54
C GLU B 104 -15.41 14.34 -16.69
N HIS B 105 -15.89 13.81 -15.55
CA HIS B 105 -16.62 12.55 -15.56
C HIS B 105 -17.30 12.35 -14.20
N GLN B 106 -18.57 11.92 -14.24
CA GLN B 106 -19.37 11.61 -13.05
C GLN B 106 -19.48 10.11 -12.81
N GLY B 107 -18.63 9.31 -13.45
CA GLY B 107 -18.65 7.87 -13.24
C GLY B 107 -18.28 7.46 -11.83
N GLY B 108 -16.98 7.44 -11.54
CA GLY B 108 -16.54 7.12 -10.20
C GLY B 108 -15.76 5.83 -10.08
N TYR B 109 -16.33 4.74 -10.57
CA TYR B 109 -15.71 3.43 -10.45
C TYR B 109 -15.28 2.89 -11.81
N THR B 110 -15.27 3.74 -12.84
CA THR B 110 -14.88 3.42 -14.20
C THR B 110 -13.92 4.47 -14.72
N PRO B 111 -13.05 4.13 -15.66
CA PRO B 111 -12.02 5.08 -16.08
C PRO B 111 -12.58 6.18 -16.96
N PHE B 112 -11.78 7.23 -17.11
CA PHE B 112 -12.07 8.27 -18.10
C PHE B 112 -10.75 8.89 -18.53
N GLU B 113 -10.59 9.06 -19.85
CA GLU B 113 -9.34 9.49 -20.45
C GLU B 113 -9.62 10.68 -21.36
N ALA B 114 -8.56 11.41 -21.70
CA ALA B 114 -8.70 12.58 -22.56
C ALA B 114 -7.41 12.82 -23.32
N ASP B 115 -7.55 13.29 -24.56
CA ASP B 115 -6.41 13.59 -25.43
C ASP B 115 -5.87 14.98 -25.07
N VAL B 116 -4.59 15.04 -24.69
CA VAL B 116 -3.97 16.28 -24.25
C VAL B 116 -2.76 16.65 -25.11
N THR B 117 -2.70 16.14 -26.35
CA THR B 117 -1.56 16.42 -27.21
C THR B 117 -1.32 17.90 -27.45
N PRO B 118 -2.33 18.74 -27.76
CA PRO B 118 -2.04 20.17 -27.96
C PRO B 118 -1.61 20.87 -26.69
N TYR B 119 -2.33 20.66 -25.60
CA TYR B 119 -2.08 21.36 -24.33
C TYR B 119 -0.77 20.94 -23.67
N VAL B 120 -0.06 19.96 -24.23
CA VAL B 120 1.14 19.41 -23.62
C VAL B 120 2.28 19.47 -24.63
N ILE B 121 3.45 19.92 -24.18
CA ILE B 121 4.66 19.96 -25.00
C ILE B 121 5.67 19.04 -24.33
N ALA B 122 5.88 17.86 -24.91
CA ALA B 122 6.72 16.83 -24.30
C ALA B 122 8.15 17.31 -24.11
N GLY B 123 8.57 17.44 -22.85
CA GLY B 123 9.91 17.89 -22.53
C GLY B 123 9.96 18.79 -21.32
N LYS B 124 8.90 19.57 -21.11
CA LYS B 124 8.79 20.47 -19.98
C LYS B 124 7.72 19.99 -19.01
N SER B 125 7.80 20.48 -17.78
CA SER B 125 6.87 20.06 -16.75
C SER B 125 5.55 20.81 -16.87
N VAL B 126 4.45 20.08 -16.70
CA VAL B 126 3.12 20.66 -16.68
C VAL B 126 2.44 20.27 -15.38
N ARG B 127 1.50 21.11 -14.94
CA ARG B 127 0.75 20.85 -13.72
C ARG B 127 -0.58 20.19 -14.07
N ILE B 128 -1.06 19.35 -13.14
CA ILE B 128 -2.31 18.63 -13.32
C ILE B 128 -3.15 18.89 -12.07
N THR B 129 -4.36 19.42 -12.27
CA THR B 129 -5.25 19.69 -11.15
C THR B 129 -6.54 18.92 -11.34
N VAL B 130 -6.94 18.16 -10.33
CA VAL B 130 -8.14 17.34 -10.38
C VAL B 130 -9.11 17.84 -9.32
N CYS B 131 -10.36 18.06 -9.71
CA CYS B 131 -11.42 18.43 -8.78
C CYS B 131 -12.31 17.21 -8.57
N VAL B 132 -12.30 16.67 -7.35
CA VAL B 132 -13.07 15.47 -7.01
C VAL B 132 -14.24 15.88 -6.13
N ASN B 133 -15.42 15.40 -6.51
CA ASN B 133 -16.68 15.62 -5.79
C ASN B 133 -17.19 14.28 -5.30
N ASN B 134 -17.66 14.26 -4.05
CA ASN B 134 -18.14 13.07 -3.36
C ASN B 134 -19.61 13.21 -2.96
N GLU B 135 -20.39 13.95 -3.73
CA GLU B 135 -21.79 14.19 -3.44
C GLU B 135 -22.67 13.20 -4.20
N LEU B 136 -23.81 12.86 -3.60
CA LEU B 136 -24.77 11.94 -4.20
C LEU B 136 -26.16 12.56 -4.09
N ASN B 137 -26.83 12.73 -5.24
CA ASN B 137 -28.24 13.05 -5.27
C ASN B 137 -28.99 11.86 -5.87
N TRP B 138 -30.23 12.07 -6.29
CA TRP B 138 -31.03 10.97 -6.80
C TRP B 138 -30.63 10.54 -8.21
N GLN B 139 -29.75 11.29 -8.87
CA GLN B 139 -29.32 10.97 -10.22
C GLN B 139 -27.90 10.43 -10.28
N THR B 140 -27.24 10.28 -9.14
CA THR B 140 -25.95 9.61 -9.08
C THR B 140 -26.14 8.11 -8.87
N ILE B 141 -25.13 7.35 -9.28
CA ILE B 141 -25.13 5.91 -9.09
C ILE B 141 -23.94 5.57 -8.20
N PRO B 142 -24.15 5.21 -6.92
CA PRO B 142 -25.44 5.01 -6.23
C PRO B 142 -26.11 6.32 -5.81
N PRO B 143 -27.42 6.27 -5.54
CA PRO B 143 -28.16 7.49 -5.21
C PRO B 143 -28.01 7.88 -3.74
N GLY B 144 -28.32 9.14 -3.48
CA GLY B 144 -28.30 9.67 -2.13
C GLY B 144 -29.03 10.99 -2.08
N MET B 145 -28.75 11.76 -1.03
CA MET B 145 -29.32 13.10 -0.88
C MET B 145 -28.58 13.90 0.18
N VAL B 146 -28.20 15.13 -0.13
CA VAL B 146 -27.43 15.96 0.79
C VAL B 146 -28.37 16.94 1.48
N ILE B 147 -28.03 17.30 2.71
CA ILE B 147 -28.80 18.24 3.51
C ILE B 147 -27.87 19.31 4.04
N THR B 148 -28.40 20.53 4.17
CA THR B 148 -27.66 21.66 4.69
C THR B 148 -28.50 22.40 5.72
N ASP B 149 -27.83 23.26 6.49
CA ASP B 149 -28.47 24.01 7.56
C ASP B 149 -27.75 25.35 7.69
N GLU B 150 -27.87 25.98 8.86
CA GLU B 150 -27.08 27.16 9.14
C GLU B 150 -25.61 26.77 9.31
N ASN B 151 -24.73 27.74 9.09
CA ASN B 151 -23.28 27.59 9.02
C ASN B 151 -22.83 26.79 7.81
N GLY B 152 -23.74 26.41 6.91
CA GLY B 152 -23.37 25.77 5.66
C GLY B 152 -22.76 24.39 5.79
N LYS B 153 -22.93 23.72 6.93
CA LYS B 153 -22.37 22.39 7.11
C LYS B 153 -23.17 21.38 6.29
N LYS B 154 -22.53 20.79 5.29
CA LYS B 154 -23.16 19.81 4.43
C LYS B 154 -23.02 18.42 5.02
N LYS B 155 -24.12 17.66 5.00
CA LYS B 155 -24.16 16.32 5.58
C LYS B 155 -24.83 15.39 4.58
N GLN B 156 -24.08 14.38 4.12
CA GLN B 156 -24.55 13.47 3.10
C GLN B 156 -25.17 12.23 3.74
N SER B 157 -26.33 11.82 3.20
CA SER B 157 -26.98 10.59 3.62
C SER B 157 -27.27 9.75 2.39
N TYR B 158 -26.95 8.45 2.46
CA TYR B 158 -27.12 7.51 1.36
C TYR B 158 -27.81 6.26 1.89
N PHE B 159 -28.12 5.34 0.98
CA PHE B 159 -28.98 4.22 1.30
C PHE B 159 -28.30 2.86 1.19
N HIS B 160 -27.05 2.79 0.79
CA HIS B 160 -26.31 1.55 0.85
C HIS B 160 -25.68 1.39 2.22
N ASP B 161 -25.01 0.26 2.45
CA ASP B 161 -24.41 0.01 3.76
C ASP B 161 -22.99 0.54 3.84
N PHE B 162 -22.13 0.12 2.92
CA PHE B 162 -20.70 0.45 2.98
C PHE B 162 -20.48 1.96 3.02
N PHE B 163 -19.37 2.35 3.65
CA PHE B 163 -19.06 3.76 3.84
C PHE B 163 -18.72 4.42 2.51
N ASN B 164 -19.10 5.69 2.38
CA ASN B 164 -18.94 6.43 1.13
C ASN B 164 -17.52 7.00 1.05
N TYR B 165 -16.57 6.11 0.73
CA TYR B 165 -15.21 6.54 0.46
C TYR B 165 -15.12 7.19 -0.91
N ALA B 166 -14.24 8.18 -1.02
CA ALA B 166 -14.10 8.95 -2.26
C ALA B 166 -12.63 9.30 -2.46
N GLY B 167 -12.37 10.07 -3.51
CA GLY B 167 -11.03 10.42 -3.91
C GLY B 167 -10.59 9.66 -5.14
N ILE B 168 -9.28 9.67 -5.38
CA ILE B 168 -8.69 8.91 -6.47
C ILE B 168 -8.33 7.52 -5.95
N HIS B 169 -8.98 6.50 -6.50
CA HIS B 169 -8.90 5.16 -5.93
C HIS B 169 -8.03 4.20 -6.72
N ARG B 170 -7.78 4.45 -7.99
CA ARG B 170 -6.94 3.60 -8.82
C ARG B 170 -5.91 4.43 -9.55
N SER B 171 -4.96 3.75 -10.17
CA SER B 171 -3.80 4.38 -10.80
C SER B 171 -4.23 5.48 -11.77
N VAL B 172 -3.35 6.46 -12.02
CA VAL B 172 -3.56 7.41 -13.10
C VAL B 172 -2.45 7.18 -14.11
N MET B 173 -2.84 7.02 -15.37
CA MET B 173 -1.90 6.69 -16.43
C MET B 173 -1.76 7.88 -17.39
N LEU B 174 -0.63 7.90 -18.09
CA LEU B 174 -0.31 8.93 -19.08
C LEU B 174 0.37 8.22 -20.24
N TYR B 175 -0.42 7.58 -21.10
CA TYR B 175 0.10 6.68 -22.11
C TYR B 175 0.20 7.37 -23.47
N THR B 176 0.97 6.72 -24.35
CA THR B 176 1.28 7.25 -25.68
C THR B 176 1.06 6.17 -26.72
N THR B 177 0.33 6.52 -27.77
CA THR B 177 0.07 5.63 -28.88
C THR B 177 0.38 6.36 -30.19
N PRO B 178 0.87 5.64 -31.20
CA PRO B 178 1.05 6.27 -32.51
C PRO B 178 -0.26 6.79 -33.06
N ASN B 179 -0.15 7.70 -34.04
CA ASN B 179 -1.30 8.43 -34.55
C ASN B 179 -2.32 7.54 -35.25
N THR B 180 -2.08 6.23 -35.22
CA THR B 180 -3.05 5.23 -35.65
C THR B 180 -3.24 4.29 -34.45
N TRP B 181 -4.33 4.48 -33.71
CA TRP B 181 -4.56 3.73 -32.49
C TRP B 181 -5.78 2.84 -32.63
N VAL B 182 -5.87 1.86 -31.75
CA VAL B 182 -6.95 0.87 -31.75
C VAL B 182 -7.93 1.20 -30.63
N ASP B 183 -8.87 2.10 -30.91
CA ASP B 183 -9.68 2.66 -29.83
C ASP B 183 -10.69 1.66 -29.29
N ASP B 184 -11.27 0.83 -30.16
CA ASP B 184 -12.31 -0.11 -29.77
C ASP B 184 -11.98 -1.51 -30.27
N ILE B 185 -12.17 -2.51 -29.39
CA ILE B 185 -11.96 -3.91 -29.71
C ILE B 185 -13.06 -4.72 -29.05
N THR B 186 -13.56 -5.73 -29.77
CA THR B 186 -14.53 -6.68 -29.22
C THR B 186 -14.15 -8.08 -29.69
N VAL B 187 -14.38 -9.07 -28.83
CA VAL B 187 -14.08 -10.47 -29.14
C VAL B 187 -15.13 -11.33 -28.46
N VAL B 188 -15.73 -12.26 -29.21
CA VAL B 188 -16.73 -13.18 -28.66
C VAL B 188 -16.32 -14.60 -29.01
N THR B 189 -16.33 -15.48 -28.01
CA THR B 189 -15.91 -16.87 -28.19
C THR B 189 -17.11 -17.80 -28.10
N HIS B 190 -17.08 -18.86 -28.91
CA HIS B 190 -18.08 -19.92 -28.88
C HIS B 190 -17.39 -21.27 -28.67
N VAL B 191 -18.19 -22.26 -28.28
CA VAL B 191 -17.71 -23.63 -28.11
C VAL B 191 -18.89 -24.57 -28.11
N ALA B 192 -18.81 -25.65 -28.89
CA ALA B 192 -19.91 -26.60 -29.06
C ALA B 192 -19.47 -27.99 -28.61
N GLN B 193 -20.29 -28.62 -27.78
CA GLN B 193 -20.08 -29.99 -27.31
C GLN B 193 -18.68 -30.19 -26.71
N HIS B 197 -14.59 -24.69 -30.76
CA HIS B 197 -15.09 -23.77 -31.77
C HIS B 197 -14.13 -22.61 -32.00
N ALA B 198 -14.63 -21.38 -31.97
CA ALA B 198 -13.81 -20.25 -32.40
C ALA B 198 -14.31 -18.97 -31.76
N SER B 199 -13.92 -17.82 -32.29
CA SER B 199 -14.10 -16.54 -31.62
C SER B 199 -14.09 -15.41 -32.65
N VAL B 200 -15.26 -14.82 -32.91
CA VAL B 200 -15.34 -13.68 -33.80
C VAL B 200 -14.60 -12.48 -33.20
N ASP B 201 -13.95 -11.72 -34.07
CA ASP B 201 -13.16 -10.55 -33.72
C ASP B 201 -13.80 -9.28 -34.26
N TRP B 202 -13.40 -8.15 -33.68
CA TRP B 202 -13.92 -6.85 -34.06
C TRP B 202 -12.79 -5.84 -33.96
N GLN B 203 -13.08 -4.61 -34.40
CA GLN B 203 -12.03 -3.61 -34.50
C GLN B 203 -12.62 -2.25 -34.88
N VAL B 204 -12.09 -1.19 -34.27
CA VAL B 204 -12.36 0.19 -34.66
C VAL B 204 -11.05 0.97 -34.60
N VAL B 205 -10.70 1.66 -35.69
CA VAL B 205 -9.45 2.39 -35.80
C VAL B 205 -9.67 3.64 -36.64
N ALA B 206 -8.58 4.40 -36.83
CA ALA B 206 -8.57 5.61 -37.63
C ALA B 206 -7.39 5.56 -38.59
N ASN B 207 -7.67 5.51 -39.89
CA ASN B 207 -6.64 5.49 -40.94
C ASN B 207 -5.68 4.31 -40.75
N GLY B 208 -6.24 3.13 -40.46
CA GLY B 208 -5.42 1.94 -40.30
C GLY B 208 -6.18 0.67 -40.58
N ASP B 209 -5.52 -0.31 -41.19
CA ASP B 209 -6.15 -1.59 -41.47
C ASP B 209 -5.91 -2.57 -40.33
N VAL B 210 -6.71 -3.62 -40.30
CA VAL B 210 -6.75 -4.57 -39.20
C VAL B 210 -6.18 -5.91 -39.66
N SER B 211 -5.15 -6.38 -38.96
CA SER B 211 -4.56 -7.68 -39.19
C SER B 211 -4.44 -8.39 -37.85
N VAL B 212 -5.19 -9.48 -37.67
CA VAL B 212 -5.37 -10.12 -36.38
C VAL B 212 -4.70 -11.48 -36.39
N GLU B 213 -3.84 -11.74 -35.40
CA GLU B 213 -3.25 -13.05 -35.21
C GLU B 213 -3.29 -13.38 -33.73
N LEU B 214 -3.25 -14.67 -33.39
CA LEU B 214 -3.35 -15.07 -31.99
C LEU B 214 -2.54 -16.34 -31.75
N ARG B 215 -1.98 -16.41 -30.55
CA ARG B 215 -0.98 -17.43 -30.21
C ARG B 215 -1.52 -18.21 -29.02
N ASP B 216 -0.63 -18.94 -28.33
CA ASP B 216 -0.99 -19.56 -27.07
C ASP B 216 0.08 -19.26 -26.02
N ALA B 217 0.90 -20.25 -25.69
CA ALA B 217 1.96 -20.11 -24.69
C ALA B 217 2.85 -18.91 -24.97
N ASP B 218 3.61 -18.97 -26.06
CA ASP B 218 4.50 -17.88 -26.41
C ASP B 218 4.60 -17.78 -27.93
N GLN B 219 3.94 -16.78 -28.51
CA GLN B 219 4.12 -16.39 -29.90
C GLN B 219 3.88 -17.54 -30.87
N GLN B 220 3.28 -18.63 -30.39
CA GLN B 220 3.01 -19.84 -31.17
C GLN B 220 1.60 -19.69 -31.75
N VAL B 221 1.53 -19.04 -32.91
CA VAL B 221 0.23 -18.77 -33.50
C VAL B 221 -0.40 -20.10 -33.89
N VAL B 222 -1.72 -20.20 -33.68
CA VAL B 222 -2.42 -21.44 -33.92
C VAL B 222 -3.67 -21.06 -34.71
N ALA B 223 -3.69 -19.82 -35.20
CA ALA B 223 -4.75 -19.29 -36.06
C ALA B 223 -4.36 -17.89 -36.54
N THR B 224 -5.19 -17.33 -37.42
CA THR B 224 -4.99 -15.97 -37.92
C THR B 224 -6.28 -15.48 -38.57
N GLY B 225 -6.23 -14.23 -39.04
CA GLY B 225 -7.35 -13.62 -39.73
C GLY B 225 -7.05 -12.19 -40.16
N GLN B 226 -7.63 -11.76 -41.28
CA GLN B 226 -7.42 -10.42 -41.82
C GLN B 226 -8.79 -9.81 -42.10
N GLY B 227 -9.32 -9.07 -41.13
CA GLY B 227 -10.62 -8.46 -41.28
C GLY B 227 -11.23 -8.14 -39.93
N THR B 228 -12.39 -7.49 -39.99
CA THR B 228 -13.13 -7.07 -38.82
C THR B 228 -14.34 -7.96 -38.53
N SER B 229 -14.26 -9.24 -38.90
CA SER B 229 -15.36 -10.16 -38.69
C SER B 229 -14.84 -11.58 -38.86
N GLY B 230 -15.69 -12.56 -38.55
CA GLY B 230 -15.36 -13.95 -38.75
C GLY B 230 -14.36 -14.49 -37.76
N THR B 231 -13.09 -14.61 -38.19
CA THR B 231 -11.99 -15.12 -37.37
C THR B 231 -12.37 -16.42 -36.67
N LEU B 232 -12.34 -17.52 -37.40
CA LEU B 232 -12.65 -18.83 -36.84
C LEU B 232 -11.55 -19.81 -37.23
N GLN B 233 -11.20 -20.71 -36.32
CA GLN B 233 -10.13 -21.64 -36.66
C GLN B 233 -10.09 -22.87 -35.74
N VAL B 234 -8.89 -23.23 -35.29
CA VAL B 234 -8.49 -24.61 -34.98
C VAL B 234 -9.20 -25.14 -33.75
N VAL B 235 -9.07 -26.45 -33.55
CA VAL B 235 -9.72 -27.13 -32.44
C VAL B 235 -8.93 -28.39 -32.10
N TRP B 240 -10.30 -22.20 -21.96
CA TRP B 240 -10.38 -21.50 -20.67
C TRP B 240 -11.30 -22.26 -19.72
N GLN B 241 -10.72 -22.76 -18.62
CA GLN B 241 -11.46 -23.53 -17.64
C GLN B 241 -11.38 -22.87 -16.26
N PRO B 242 -12.38 -23.09 -15.41
CA PRO B 242 -12.35 -22.49 -14.06
C PRO B 242 -11.25 -23.05 -13.15
N GLY B 243 -10.54 -24.09 -13.56
CA GLY B 243 -9.46 -24.61 -12.75
C GLY B 243 -8.17 -23.83 -12.94
N GLU B 244 -7.65 -23.82 -14.17
CA GLU B 244 -6.40 -23.13 -14.49
C GLU B 244 -6.66 -21.84 -15.25
N GLY B 245 -7.31 -21.93 -16.41
CA GLY B 245 -7.65 -20.75 -17.18
C GLY B 245 -6.75 -20.51 -18.38
N TYR B 246 -6.82 -21.40 -19.36
CA TYR B 246 -6.00 -21.28 -20.57
C TYR B 246 -6.51 -20.11 -21.41
N LEU B 247 -5.64 -19.17 -21.72
CA LEU B 247 -6.04 -17.98 -22.45
C LEU B 247 -5.03 -17.67 -23.55
N TYR B 248 -5.53 -17.54 -24.77
CA TYR B 248 -4.74 -17.20 -25.95
C TYR B 248 -4.44 -15.70 -25.98
N GLU B 249 -3.41 -15.34 -26.73
CA GLU B 249 -2.97 -13.96 -26.89
C GLU B 249 -3.32 -13.47 -28.29
N LEU B 250 -4.18 -12.46 -28.39
CA LEU B 250 -4.67 -11.98 -29.68
C LEU B 250 -4.03 -10.63 -29.98
N CYS B 251 -2.97 -10.66 -30.79
CA CYS B 251 -2.36 -9.46 -31.35
C CYS B 251 -3.25 -8.87 -32.44
N VAL B 252 -3.65 -7.61 -32.26
CA VAL B 252 -4.35 -6.82 -33.25
C VAL B 252 -3.38 -5.81 -33.85
N THR B 253 -3.39 -5.68 -35.17
CA THR B 253 -2.51 -4.76 -35.88
C THR B 253 -3.35 -3.75 -36.65
N ALA B 254 -3.00 -2.47 -36.52
CA ALA B 254 -3.60 -1.39 -37.28
C ALA B 254 -2.48 -0.72 -38.08
N LYS B 255 -2.56 -0.83 -39.40
CA LYS B 255 -1.48 -0.38 -40.28
C LYS B 255 -1.86 0.92 -40.99
N SER B 256 -0.89 1.82 -41.09
CA SER B 256 -1.02 3.08 -41.81
C SER B 256 0.16 3.24 -42.76
N GLN B 257 0.19 4.36 -43.48
CA GLN B 257 1.26 4.58 -44.45
C GLN B 257 2.61 4.77 -43.77
N THR B 258 2.63 5.38 -42.59
CA THR B 258 3.87 5.70 -41.89
C THR B 258 4.07 4.90 -40.62
N GLU B 259 3.09 4.91 -39.72
CA GLU B 259 3.21 4.24 -38.43
C GLU B 259 2.30 3.01 -38.39
N CYS B 260 2.66 2.08 -37.51
CA CYS B 260 1.91 0.85 -37.29
C CYS B 260 1.64 0.68 -35.80
N ASP B 261 0.51 0.05 -35.48
CA ASP B 261 0.10 -0.17 -34.11
C ASP B 261 -0.15 -1.64 -33.86
N ILE B 262 0.31 -2.12 -32.70
CA ILE B 262 0.14 -3.50 -32.28
C ILE B 262 -0.40 -3.50 -30.86
N TYR B 263 -1.47 -4.24 -30.62
CA TYR B 263 -2.14 -4.26 -29.32
C TYR B 263 -2.43 -5.71 -28.94
N PRO B 264 -1.90 -6.21 -27.82
CA PRO B 264 -2.20 -7.59 -27.42
C PRO B 264 -3.38 -7.69 -26.46
N LEU B 265 -4.33 -8.57 -26.78
CA LEU B 265 -5.53 -8.78 -25.95
C LEU B 265 -5.64 -10.25 -25.60
N ARG B 266 -5.49 -10.58 -24.33
CA ARG B 266 -5.70 -11.96 -23.89
C ARG B 266 -7.18 -12.29 -23.95
N VAL B 267 -7.51 -13.46 -24.49
CA VAL B 267 -8.89 -13.91 -24.56
C VAL B 267 -8.94 -15.42 -24.33
N GLY B 268 -9.95 -15.86 -23.60
CA GLY B 268 -10.15 -17.27 -23.31
C GLY B 268 -11.42 -17.77 -23.98
N ILE B 269 -11.32 -18.94 -24.61
CA ILE B 269 -12.46 -19.53 -25.29
C ILE B 269 -13.45 -20.02 -24.25
N ARG B 270 -14.66 -19.43 -24.25
CA ARG B 270 -15.70 -19.85 -23.34
C ARG B 270 -17.03 -19.26 -23.79
N SER B 271 -18.11 -20.01 -23.52
CA SER B 271 -19.46 -19.54 -23.81
C SER B 271 -20.34 -19.91 -22.62
N VAL B 272 -21.00 -18.91 -22.04
CA VAL B 272 -21.83 -19.10 -20.86
C VAL B 272 -23.29 -18.97 -21.27
N ALA B 273 -24.12 -19.86 -20.73
CA ALA B 273 -25.54 -19.86 -21.05
C ALA B 273 -26.30 -20.60 -19.97
N VAL B 274 -27.57 -20.21 -19.78
CA VAL B 274 -28.44 -20.79 -18.77
C VAL B 274 -29.39 -21.77 -19.44
N LYS B 275 -29.51 -22.97 -18.87
CA LYS B 275 -30.40 -24.00 -19.40
C LYS B 275 -31.28 -24.51 -18.26
N GLY B 276 -32.56 -24.18 -18.31
CA GLY B 276 -33.50 -24.57 -17.28
C GLY B 276 -33.16 -23.98 -15.93
N GLU B 277 -32.49 -24.77 -15.09
CA GLU B 277 -32.01 -24.30 -13.80
C GLU B 277 -30.52 -24.65 -13.62
N GLN B 278 -29.77 -24.61 -14.71
CA GLN B 278 -28.34 -24.88 -14.70
C GLN B 278 -27.58 -23.74 -15.35
N PHE B 279 -26.44 -23.38 -14.76
CA PHE B 279 -25.54 -22.38 -15.32
C PHE B 279 -24.40 -23.12 -16.02
N LEU B 280 -24.37 -23.04 -17.35
CA LEU B 280 -23.41 -23.78 -18.16
C LEU B 280 -22.29 -22.86 -18.60
N ILE B 281 -21.08 -23.14 -18.13
CA ILE B 281 -19.85 -22.56 -18.64
C ILE B 281 -19.14 -23.68 -19.41
N ASN B 282 -19.05 -23.52 -20.74
CA ASN B 282 -18.51 -24.56 -21.62
C ASN B 282 -19.33 -25.84 -21.52
N HIS B 283 -20.67 -25.69 -21.48
CA HIS B 283 -21.61 -26.81 -21.55
C HIS B 283 -21.42 -27.79 -20.40
N LYS B 284 -21.26 -27.26 -19.19
CA LYS B 284 -21.13 -28.09 -18.00
C LYS B 284 -21.88 -27.43 -16.84
N PRO B 285 -22.66 -28.21 -16.08
CA PRO B 285 -23.29 -27.64 -14.88
C PRO B 285 -22.24 -27.26 -13.85
N PHE B 286 -22.49 -26.14 -13.18
CA PHE B 286 -21.53 -25.55 -12.25
C PHE B 286 -22.14 -25.45 -10.87
N TYR B 287 -21.30 -25.07 -9.90
CA TYR B 287 -21.75 -24.73 -8.56
C TYR B 287 -20.86 -23.62 -8.04
N PHE B 288 -21.46 -22.47 -7.73
CA PHE B 288 -20.71 -21.31 -7.29
C PHE B 288 -20.37 -21.42 -5.81
N THR B 289 -19.10 -21.19 -5.48
CA THR B 289 -18.68 -21.08 -4.09
C THR B 289 -17.72 -19.90 -3.96
N GLY B 290 -17.79 -19.22 -2.82
CA GLY B 290 -16.90 -18.10 -2.60
C GLY B 290 -17.50 -16.97 -1.80
N PHE B 291 -17.14 -15.73 -2.15
CA PHE B 291 -17.48 -14.57 -1.34
C PHE B 291 -18.13 -13.50 -2.21
N GLY B 292 -18.87 -12.62 -1.53
CA GLY B 292 -19.18 -11.31 -2.07
C GLY B 292 -18.33 -10.30 -1.32
N ARG B 293 -17.29 -9.80 -1.96
CA ARG B 293 -16.30 -9.06 -1.20
C ARG B 293 -16.56 -7.56 -1.29
N HIS B 294 -15.55 -6.75 -0.96
CA HIS B 294 -15.63 -5.30 -1.01
C HIS B 294 -14.27 -4.75 -1.40
N GLU B 295 -14.28 -3.53 -1.92
CA GLU B 295 -13.05 -2.78 -2.15
C GLU B 295 -12.80 -1.90 -0.93
N ASP B 296 -12.34 -2.55 0.14
CA ASP B 296 -12.15 -1.89 1.42
C ASP B 296 -10.92 -2.46 2.10
N ALA B 297 -10.21 -1.61 2.82
CA ALA B 297 -8.96 -2.01 3.45
C ALA B 297 -8.67 -1.08 4.62
N ASP B 298 -7.81 -1.56 5.51
CA ASP B 298 -7.29 -0.69 6.56
C ASP B 298 -6.51 0.47 5.94
N LEU B 299 -6.83 1.68 6.38
CA LEU B 299 -6.00 2.88 6.22
C LEU B 299 -6.13 3.57 4.86
N ARG B 300 -6.36 2.81 3.78
CA ARG B 300 -6.35 3.40 2.45
C ARG B 300 -7.73 3.53 1.82
N GLY B 301 -8.80 3.22 2.57
CA GLY B 301 -10.13 3.30 2.00
C GLY B 301 -10.31 2.27 0.89
N LYS B 302 -10.92 2.69 -0.22
CA LYS B 302 -11.09 1.84 -1.39
C LYS B 302 -9.89 1.90 -2.34
N GLY B 303 -8.79 2.49 -1.92
CA GLY B 303 -7.61 2.56 -2.77
C GLY B 303 -7.10 1.17 -3.12
N PHE B 304 -6.65 1.01 -4.36
CA PHE B 304 -6.13 -0.25 -4.83
C PHE B 304 -4.70 -0.46 -4.33
N ASP B 305 -4.31 -1.73 -4.21
CA ASP B 305 -2.94 -2.07 -3.85
C ASP B 305 -2.68 -3.53 -4.18
N ASN B 306 -1.51 -3.79 -4.76
CA ASN B 306 -1.21 -5.14 -5.25
C ASN B 306 -1.03 -6.14 -4.11
N VAL B 307 -0.41 -5.70 -3.01
CA VAL B 307 -0.18 -6.60 -1.88
C VAL B 307 -1.49 -7.19 -1.40
N LEU B 308 -2.52 -6.34 -1.29
CA LEU B 308 -3.83 -6.81 -0.83
C LEU B 308 -4.43 -7.81 -1.82
N MET B 309 -4.29 -7.55 -3.12
CA MET B 309 -4.85 -8.47 -4.10
C MET B 309 -4.18 -9.83 -4.02
N VAL B 310 -2.86 -9.84 -3.88
CA VAL B 310 -2.12 -11.10 -3.77
C VAL B 310 -2.56 -11.86 -2.50
N HIS B 311 -2.63 -11.15 -1.37
CA HIS B 311 -2.97 -11.82 -0.12
C HIS B 311 -4.41 -12.35 -0.14
N ASP B 312 -5.36 -11.50 -0.53
CA ASP B 312 -6.76 -11.92 -0.55
C ASP B 312 -6.97 -13.07 -1.53
N HIS B 313 -6.25 -13.07 -2.65
CA HIS B 313 -6.34 -14.20 -3.56
C HIS B 313 -5.73 -15.45 -2.96
N ALA B 314 -4.69 -15.29 -2.13
CA ALA B 314 -4.16 -16.44 -1.40
C ALA B 314 -5.18 -17.01 -0.42
N LEU B 315 -5.89 -16.13 0.29
CA LEU B 315 -6.91 -16.59 1.23
C LEU B 315 -8.06 -17.28 0.51
N MET B 316 -8.51 -16.72 -0.62
CA MET B 316 -9.58 -17.35 -1.38
C MET B 316 -9.15 -18.69 -1.95
N ASP B 317 -7.91 -18.78 -2.42
CA ASP B 317 -7.40 -20.05 -2.94
C ASP B 317 -7.33 -21.09 -1.84
N TRP B 318 -6.86 -20.70 -0.65
CA TRP B 318 -6.76 -21.64 0.45
C TRP B 318 -8.12 -22.12 0.92
N ILE B 319 -9.06 -21.18 1.11
CA ILE B 319 -10.37 -21.51 1.66
C ILE B 319 -11.24 -22.30 0.69
N GLY B 320 -10.78 -22.47 -0.56
CA GLY B 320 -11.50 -23.30 -1.52
C GLY B 320 -12.48 -22.56 -2.39
N ALA B 321 -12.51 -21.23 -2.35
CA ALA B 321 -13.43 -20.47 -3.18
C ALA B 321 -13.07 -20.63 -4.65
N ASN B 322 -14.10 -20.78 -5.49
CA ASN B 322 -13.89 -20.83 -6.93
C ASN B 322 -14.49 -19.65 -7.66
N SER B 323 -15.30 -18.82 -6.98
CA SER B 323 -15.98 -17.72 -7.63
C SER B 323 -16.24 -16.63 -6.61
N TYR B 324 -16.48 -15.42 -7.11
CA TYR B 324 -16.88 -14.31 -6.27
C TYR B 324 -17.56 -13.27 -7.15
N ARG B 325 -18.21 -12.31 -6.48
CA ARG B 325 -18.96 -11.26 -7.15
C ARG B 325 -18.36 -9.91 -6.78
N THR B 326 -17.96 -9.13 -7.79
CA THR B 326 -17.53 -7.76 -7.57
C THR B 326 -18.68 -6.98 -6.96
N SER B 327 -18.79 -7.03 -5.63
CA SER B 327 -20.04 -6.63 -4.97
C SER B 327 -20.20 -5.12 -4.94
N HIS B 328 -21.32 -4.65 -5.50
CA HIS B 328 -21.90 -3.32 -5.35
C HIS B 328 -21.18 -2.22 -6.11
N TYR B 329 -20.15 -2.52 -6.89
CA TYR B 329 -19.48 -1.56 -7.76
C TYR B 329 -18.46 -2.30 -8.63
N PRO B 330 -18.05 -1.72 -9.75
CA PRO B 330 -16.99 -2.34 -10.57
C PRO B 330 -15.66 -2.34 -9.83
N TYR B 331 -15.07 -3.52 -9.70
CA TYR B 331 -13.78 -3.63 -9.07
C TYR B 331 -12.69 -3.03 -9.96
N ALA B 332 -11.48 -2.90 -9.40
CA ALA B 332 -10.33 -2.53 -10.20
C ALA B 332 -10.06 -3.61 -11.24
N GLU B 333 -9.78 -3.20 -12.48
CA GLU B 333 -9.63 -4.15 -13.57
C GLU B 333 -8.48 -5.12 -13.34
N GLU B 334 -7.51 -4.76 -12.49
CA GLU B 334 -6.45 -5.70 -12.14
C GLU B 334 -7.02 -6.95 -11.49
N MET B 335 -8.07 -6.78 -10.67
CA MET B 335 -8.76 -7.93 -10.10
C MET B 335 -9.33 -8.84 -11.17
N LEU B 336 -9.76 -8.27 -12.31
CA LEU B 336 -10.33 -9.07 -13.38
C LEU B 336 -9.27 -9.70 -14.25
N ASP B 337 -8.13 -9.02 -14.45
CA ASP B 337 -7.01 -9.63 -15.15
C ASP B 337 -6.49 -10.83 -14.36
N TRP B 338 -6.25 -10.65 -13.06
CA TRP B 338 -5.95 -11.79 -12.20
C TRP B 338 -7.06 -12.84 -12.28
N ALA B 339 -8.32 -12.37 -12.38
CA ALA B 339 -9.46 -13.28 -12.35
C ALA B 339 -9.49 -14.21 -13.55
N ASP B 340 -9.14 -13.70 -14.74
CA ASP B 340 -9.05 -14.59 -15.90
C ASP B 340 -7.70 -15.29 -15.98
N GLU B 341 -6.67 -14.78 -15.29
CA GLU B 341 -5.41 -15.49 -15.22
C GLU B 341 -5.57 -16.80 -14.45
N HIS B 342 -5.98 -16.71 -13.19
CA HIS B 342 -6.17 -17.91 -12.38
C HIS B 342 -7.54 -18.55 -12.58
N GLY B 343 -8.35 -18.02 -13.49
CA GLY B 343 -9.62 -18.62 -13.84
C GLY B 343 -10.62 -18.71 -12.71
N ILE B 344 -10.97 -17.58 -12.12
CA ILE B 344 -12.00 -17.53 -11.08
C ILE B 344 -13.22 -16.85 -11.67
N VAL B 345 -14.40 -17.44 -11.43
CA VAL B 345 -15.63 -16.94 -12.01
C VAL B 345 -16.07 -15.67 -11.28
N VAL B 346 -16.47 -14.66 -12.06
CA VAL B 346 -16.77 -13.33 -11.52
C VAL B 346 -18.16 -12.90 -11.99
N ILE B 347 -19.00 -12.50 -11.05
CA ILE B 347 -20.26 -11.84 -11.34
C ILE B 347 -20.02 -10.33 -11.24
N ASP B 348 -19.96 -9.66 -12.38
CA ASP B 348 -19.68 -8.24 -12.41
C ASP B 348 -20.95 -7.44 -12.16
N GLU B 349 -20.83 -6.34 -11.41
CA GLU B 349 -21.98 -5.57 -10.98
C GLU B 349 -21.68 -4.09 -11.07
N THR B 350 -22.74 -3.30 -11.32
CA THR B 350 -22.66 -1.85 -11.36
C THR B 350 -22.80 -1.27 -9.96
N ALA B 351 -22.66 0.05 -9.85
CA ALA B 351 -22.83 0.73 -8.58
C ALA B 351 -24.30 0.94 -8.22
N ALA B 352 -25.23 0.45 -9.05
CA ALA B 352 -26.65 0.60 -8.80
C ALA B 352 -27.07 -0.11 -7.53
N VAL B 353 -27.01 0.59 -6.39
CA VAL B 353 -27.37 0.02 -5.11
C VAL B 353 -28.02 1.11 -4.26
N GLY B 354 -28.94 0.72 -3.41
CA GLY B 354 -29.62 1.65 -2.53
C GLY B 354 -30.97 2.13 -3.01
N PHE B 355 -31.48 1.58 -4.12
CA PHE B 355 -32.81 1.93 -4.61
C PHE B 355 -33.88 1.29 -3.73
N ASN B 356 -33.89 1.71 -2.47
CA ASN B 356 -34.80 1.14 -1.48
C ASN B 356 -34.87 2.06 -0.28
N LEU B 357 -36.09 2.32 0.19
CA LEU B 357 -36.32 3.13 1.39
C LEU B 357 -36.83 2.29 2.55
N SER B 358 -36.84 0.96 2.42
CA SER B 358 -37.36 0.09 3.47
C SER B 358 -36.28 -0.42 4.42
N LEU B 359 -35.01 -0.32 4.04
CA LEU B 359 -33.91 -0.74 4.90
C LEU B 359 -33.62 0.36 5.92
N GLY B 360 -34.40 0.34 7.00
CA GLY B 360 -34.37 1.39 8.00
C GLY B 360 -33.77 0.88 9.31
N ILE B 361 -32.78 1.63 9.80
CA ILE B 361 -32.14 1.32 11.07
C ILE B 361 -33.15 1.55 12.19
N GLY B 362 -33.56 0.46 12.84
CA GLY B 362 -34.51 0.55 13.94
C GLY B 362 -34.45 -0.62 14.88
N LYS B 368 -37.39 12.25 4.02
CA LYS B 368 -37.46 11.12 3.10
C LYS B 368 -38.67 11.23 2.17
N PRO B 369 -38.47 10.95 0.88
CA PRO B 369 -39.59 10.95 -0.07
C PRO B 369 -40.64 9.91 0.29
N LYS B 370 -41.79 10.01 -0.36
CA LYS B 370 -42.94 9.19 -0.01
C LYS B 370 -43.12 7.96 -0.90
N GLU B 371 -42.63 7.97 -2.13
CA GLU B 371 -42.71 6.80 -2.99
C GLU B 371 -41.46 6.71 -3.84
N LEU B 372 -40.86 5.52 -3.90
CA LEU B 372 -39.52 5.36 -4.45
C LEU B 372 -39.46 5.70 -5.93
N TYR B 373 -40.54 5.44 -6.67
CA TYR B 373 -40.51 5.70 -8.11
C TYR B 373 -41.40 6.89 -8.44
N SER B 374 -41.23 7.98 -7.69
CA SER B 374 -41.86 9.26 -8.00
C SER B 374 -40.91 10.08 -8.86
N GLU B 375 -41.30 11.32 -9.15
CA GLU B 375 -40.45 12.19 -9.96
C GLU B 375 -39.28 12.74 -9.16
N GLU B 376 -39.52 13.11 -7.91
CA GLU B 376 -38.47 13.68 -7.07
C GLU B 376 -37.42 12.66 -6.65
N ALA B 377 -37.62 11.38 -6.97
CA ALA B 377 -36.68 10.33 -6.57
C ALA B 377 -36.82 9.18 -7.55
N VAL B 378 -35.74 8.87 -8.27
CA VAL B 378 -35.70 7.77 -9.24
C VAL B 378 -36.74 7.99 -10.34
N ASN B 379 -36.41 8.85 -11.30
CA ASN B 379 -37.25 9.07 -12.47
C ASN B 379 -36.51 10.00 -13.44
N GLY B 380 -36.33 9.54 -14.67
CA GLY B 380 -35.72 10.37 -15.71
C GLY B 380 -34.20 10.18 -15.78
N GLU B 381 -33.46 11.20 -15.34
CA GLU B 381 -32.00 11.12 -15.38
C GLU B 381 -31.50 9.98 -14.50
N THR B 382 -32.28 9.56 -13.49
CA THR B 382 -31.85 8.42 -12.69
C THR B 382 -31.81 7.15 -13.54
N GLN B 383 -32.89 6.88 -14.27
CA GLN B 383 -32.90 5.72 -15.17
C GLN B 383 -31.85 5.86 -16.27
N GLN B 384 -31.74 7.05 -16.85
CA GLN B 384 -30.72 7.29 -17.88
C GLN B 384 -29.33 6.98 -17.36
N ALA B 385 -28.91 7.67 -16.29
CA ALA B 385 -27.58 7.50 -15.73
C ALA B 385 -27.34 6.08 -15.25
N HIS B 386 -28.39 5.36 -14.83
CA HIS B 386 -28.23 3.94 -14.55
C HIS B 386 -27.87 3.18 -15.83
N LEU B 387 -28.61 3.43 -16.92
CA LEU B 387 -28.25 2.86 -18.21
C LEU B 387 -26.82 3.24 -18.61
N GLN B 388 -26.37 4.43 -18.18
CA GLN B 388 -25.01 4.85 -18.47
C GLN B 388 -24.00 4.00 -17.70
N ALA B 389 -24.23 3.81 -16.39
CA ALA B 389 -23.35 2.94 -15.62
C ALA B 389 -23.28 1.55 -16.23
N ILE B 390 -24.41 1.04 -16.72
CA ILE B 390 -24.40 -0.19 -17.51
C ILE B 390 -23.43 -0.05 -18.67
N LYS B 391 -23.72 0.89 -19.58
CA LYS B 391 -22.95 1.05 -20.81
C LYS B 391 -21.45 1.11 -20.53
N GLU B 392 -21.04 1.77 -19.45
CA GLU B 392 -19.62 1.91 -19.16
C GLU B 392 -19.03 0.62 -18.60
N LEU B 393 -19.72 0.01 -17.62
CA LEU B 393 -19.25 -1.26 -17.08
C LEU B 393 -19.05 -2.29 -18.20
N ILE B 394 -20.02 -2.38 -19.12
CA ILE B 394 -19.91 -3.33 -20.22
C ILE B 394 -18.82 -2.90 -21.20
N ALA B 395 -18.67 -1.58 -21.42
CA ALA B 395 -17.68 -1.11 -22.37
C ALA B 395 -16.27 -1.30 -21.86
N ARG B 396 -16.10 -1.55 -20.56
CA ARG B 396 -14.78 -1.81 -20.02
C ARG B 396 -14.51 -3.29 -19.74
N ASP B 397 -15.51 -4.06 -19.33
CA ASP B 397 -15.30 -5.45 -18.90
C ASP B 397 -15.92 -6.47 -19.85
N LYS B 398 -16.10 -6.11 -21.12
CA LYS B 398 -16.79 -7.01 -22.05
C LYS B 398 -15.91 -8.18 -22.48
N ASN B 399 -14.61 -7.95 -22.65
CA ASN B 399 -13.73 -8.94 -23.26
C ASN B 399 -13.19 -9.96 -22.25
N HIS B 400 -13.45 -9.76 -20.97
CA HIS B 400 -12.87 -10.63 -19.94
C HIS B 400 -13.56 -11.99 -19.93
N PRO B 401 -12.82 -13.09 -20.12
CA PRO B 401 -13.45 -14.41 -20.01
C PRO B 401 -13.88 -14.76 -18.60
N SER B 402 -13.27 -14.14 -17.59
CA SER B 402 -13.64 -14.42 -16.20
C SER B 402 -15.01 -13.89 -15.84
N VAL B 403 -15.53 -12.92 -16.58
CA VAL B 403 -16.86 -12.38 -16.35
C VAL B 403 -17.88 -13.29 -17.02
N VAL B 404 -18.65 -14.03 -16.22
CA VAL B 404 -19.67 -14.92 -16.76
C VAL B 404 -21.07 -14.34 -16.62
N MET B 405 -21.24 -13.25 -15.86
CA MET B 405 -22.57 -12.75 -15.57
C MET B 405 -22.57 -11.22 -15.54
N TRP B 406 -23.69 -10.66 -15.95
CA TRP B 406 -24.02 -9.26 -15.78
C TRP B 406 -24.92 -9.12 -14.56
N SER B 407 -24.76 -8.02 -13.83
CA SER B 407 -25.63 -7.73 -12.69
C SER B 407 -25.97 -6.25 -12.73
N ILE B 408 -27.19 -5.93 -13.19
CA ILE B 408 -27.58 -4.54 -13.39
C ILE B 408 -27.62 -3.79 -12.06
N ALA B 409 -28.36 -4.32 -11.09
CA ALA B 409 -28.56 -3.62 -9.83
C ALA B 409 -28.54 -4.62 -8.68
N ASN B 410 -28.41 -4.07 -7.47
CA ASN B 410 -28.37 -4.86 -6.25
C ASN B 410 -29.40 -4.35 -5.26
N GLU B 411 -30.14 -5.28 -4.67
CA GLU B 411 -31.18 -5.05 -3.67
C GLU B 411 -32.00 -3.79 -3.93
N PRO B 412 -32.84 -3.77 -4.96
CA PRO B 412 -33.74 -2.64 -5.14
C PRO B 412 -35.14 -2.96 -4.61
N ASP B 413 -35.82 -1.93 -4.09
CA ASP B 413 -37.20 -2.10 -3.64
C ASP B 413 -38.10 -2.16 -4.86
N THR B 414 -38.69 -3.32 -5.11
CA THR B 414 -39.54 -3.56 -6.26
C THR B 414 -41.01 -3.75 -5.87
N ARG B 415 -41.40 -3.17 -4.74
CA ARG B 415 -42.75 -3.28 -4.21
C ARG B 415 -43.61 -2.05 -4.52
N PRO B 416 -43.10 -0.82 -4.43
CA PRO B 416 -43.92 0.33 -4.80
C PRO B 416 -44.32 0.30 -6.27
N GLN B 417 -45.28 1.15 -6.61
CA GLN B 417 -45.75 1.23 -7.99
C GLN B 417 -44.67 1.85 -8.88
N GLY B 418 -44.43 1.22 -10.03
CA GLY B 418 -43.52 1.76 -11.01
C GLY B 418 -42.15 1.13 -11.07
N ALA B 419 -41.88 0.11 -10.25
CA ALA B 419 -40.57 -0.54 -10.26
C ALA B 419 -40.35 -1.29 -11.57
N ARG B 420 -41.35 -2.05 -12.01
CA ARG B 420 -41.22 -2.82 -13.24
C ARG B 420 -41.03 -1.91 -14.45
N GLU B 421 -41.82 -0.83 -14.51
CA GLU B 421 -41.66 0.16 -15.56
C GLU B 421 -40.25 0.73 -15.59
N TYR B 422 -39.57 0.75 -14.45
CA TYR B 422 -38.19 1.21 -14.39
C TYR B 422 -37.21 0.15 -14.89
N PHE B 423 -37.35 -1.08 -14.39
CA PHE B 423 -36.31 -2.08 -14.62
C PHE B 423 -36.42 -2.80 -15.95
N ALA B 424 -37.59 -2.78 -16.60
CA ALA B 424 -37.70 -3.48 -17.89
C ALA B 424 -36.81 -2.88 -18.97
N PRO B 425 -36.82 -1.57 -19.24
CA PRO B 425 -35.98 -1.04 -20.33
C PRO B 425 -34.49 -1.26 -20.10
N LEU B 426 -34.03 -1.16 -18.85
CA LEU B 426 -32.62 -1.40 -18.56
C LEU B 426 -32.23 -2.84 -18.90
N ALA B 427 -33.08 -3.80 -18.55
CA ALA B 427 -32.83 -5.18 -18.93
C ALA B 427 -32.79 -5.34 -20.44
N GLU B 428 -33.73 -4.71 -21.15
CA GLU B 428 -33.75 -4.82 -22.61
C GLU B 428 -32.46 -4.29 -23.24
N ALA B 429 -32.11 -3.04 -22.93
CA ALA B 429 -30.94 -2.42 -23.52
C ALA B 429 -29.67 -3.18 -23.15
N THR B 430 -29.56 -3.59 -21.89
CA THR B 430 -28.37 -4.33 -21.46
C THR B 430 -28.24 -5.66 -22.20
N ARG B 431 -29.36 -6.36 -22.38
CA ARG B 431 -29.34 -7.61 -23.14
C ARG B 431 -28.92 -7.37 -24.59
N LYS B 432 -29.42 -6.28 -25.19
CA LYS B 432 -29.02 -5.99 -26.57
C LYS B 432 -27.55 -5.60 -26.66
N LEU B 433 -26.98 -5.07 -25.58
CA LEU B 433 -25.58 -4.65 -25.62
C LEU B 433 -24.63 -5.84 -25.57
N ASP B 434 -24.87 -6.79 -24.67
CA ASP B 434 -24.05 -8.01 -24.56
C ASP B 434 -24.97 -9.21 -24.42
N PRO B 435 -25.30 -9.87 -25.54
CA PRO B 435 -26.16 -11.07 -25.48
C PRO B 435 -25.39 -12.34 -25.17
N THR B 436 -24.06 -12.30 -25.09
CA THR B 436 -23.26 -13.50 -24.92
C THR B 436 -23.21 -13.99 -23.47
N ARG B 437 -23.71 -13.21 -22.52
CA ARG B 437 -23.64 -13.56 -21.12
C ARG B 437 -25.00 -13.41 -20.46
N PRO B 438 -25.33 -14.28 -19.50
CA PRO B 438 -26.59 -14.11 -18.77
C PRO B 438 -26.58 -12.84 -17.96
N ILE B 439 -27.79 -12.42 -17.56
CA ILE B 439 -27.99 -11.17 -16.82
C ILE B 439 -28.81 -11.47 -15.59
N THR B 440 -28.61 -10.67 -14.54
CA THR B 440 -29.32 -10.87 -13.29
C THR B 440 -29.59 -9.55 -12.60
N CYS B 441 -30.34 -9.63 -11.50
CA CYS B 441 -30.56 -8.50 -10.61
C CYS B 441 -30.75 -9.05 -9.20
N VAL B 442 -29.83 -8.71 -8.31
CA VAL B 442 -29.89 -9.22 -6.94
C VAL B 442 -31.02 -8.49 -6.20
N ASN B 443 -32.03 -9.23 -5.79
CA ASN B 443 -33.19 -8.65 -5.11
C ASN B 443 -33.02 -8.74 -3.60
N VAL B 444 -33.72 -7.85 -2.90
CA VAL B 444 -33.59 -7.72 -1.45
C VAL B 444 -34.46 -8.78 -0.77
N MET B 445 -34.32 -8.91 0.55
CA MET B 445 -35.00 -9.94 1.31
C MET B 445 -36.48 -9.62 1.51
N PHE B 446 -36.83 -8.34 1.68
CA PHE B 446 -38.20 -7.92 1.93
C PHE B 446 -39.14 -8.23 0.77
N CYS B 447 -38.59 -8.58 -0.40
CA CYS B 447 -39.39 -8.95 -1.57
C CYS B 447 -39.19 -10.44 -1.83
N ASP B 448 -40.10 -11.26 -1.30
CA ASP B 448 -40.01 -12.70 -1.47
C ASP B 448 -40.71 -13.12 -2.77
N ALA B 449 -40.88 -14.42 -2.97
CA ALA B 449 -41.35 -14.93 -4.26
C ALA B 449 -42.76 -14.44 -4.58
N HIS B 450 -43.58 -14.22 -3.56
CA HIS B 450 -44.96 -13.82 -3.75
C HIS B 450 -45.14 -12.32 -3.93
N THR B 451 -44.07 -11.53 -3.72
CA THR B 451 -44.14 -10.08 -3.85
C THR B 451 -43.18 -9.52 -4.89
N ASP B 452 -42.13 -10.24 -5.26
CA ASP B 452 -41.20 -9.75 -6.27
C ASP B 452 -41.86 -9.73 -7.63
N THR B 453 -41.56 -8.68 -8.41
CA THR B 453 -42.16 -8.50 -9.73
C THR B 453 -41.12 -8.33 -10.83
N ILE B 454 -39.84 -8.57 -10.56
CA ILE B 454 -38.80 -8.33 -11.55
C ILE B 454 -37.98 -9.57 -11.88
N SER B 455 -38.00 -10.61 -11.05
CA SER B 455 -37.10 -11.75 -11.22
C SER B 455 -37.30 -12.49 -12.54
N ASP B 456 -38.36 -12.16 -13.29
CA ASP B 456 -38.60 -12.84 -14.57
C ASP B 456 -37.79 -12.23 -15.72
N LEU B 457 -37.44 -10.95 -15.61
CA LEU B 457 -36.70 -10.27 -16.67
C LEU B 457 -35.28 -10.79 -16.83
N PHE B 458 -34.77 -11.58 -15.89
CA PHE B 458 -33.35 -11.91 -15.83
C PHE B 458 -33.14 -13.40 -15.97
N ASP B 459 -31.92 -13.76 -16.38
CA ASP B 459 -31.60 -15.16 -16.69
C ASP B 459 -31.34 -15.97 -15.43
N VAL B 460 -30.59 -15.43 -14.49
CA VAL B 460 -30.32 -16.07 -13.21
C VAL B 460 -30.94 -15.20 -12.13
N LEU B 461 -31.64 -15.83 -11.19
CA LEU B 461 -32.16 -15.12 -10.04
C LEU B 461 -31.13 -15.17 -8.91
N CYS B 462 -30.81 -14.00 -8.37
CA CYS B 462 -29.88 -13.87 -7.26
C CYS B 462 -30.65 -13.55 -5.98
N LEU B 463 -30.26 -14.17 -4.88
CA LEU B 463 -30.99 -14.09 -3.63
C LEU B 463 -30.09 -13.64 -2.50
N ASN B 464 -30.60 -12.73 -1.66
CA ASN B 464 -30.01 -12.38 -0.39
C ASN B 464 -30.97 -12.79 0.71
N ARG B 465 -30.50 -13.63 1.63
CA ARG B 465 -31.37 -14.21 2.65
C ARG B 465 -30.64 -14.20 3.99
N TYR B 466 -31.36 -13.78 5.04
CA TYR B 466 -30.78 -13.65 6.37
C TYR B 466 -31.73 -14.23 7.42
N TYR B 467 -32.39 -15.34 7.11
CA TYR B 467 -33.27 -15.97 8.10
C TYR B 467 -32.45 -16.45 9.29
N GLY B 468 -32.94 -16.12 10.49
CA GLY B 468 -32.22 -16.38 11.71
C GLY B 468 -31.43 -15.20 12.24
N TRP B 469 -31.33 -14.13 11.47
CA TRP B 469 -30.61 -12.93 11.88
C TRP B 469 -31.56 -11.74 12.03
N TYR B 470 -32.02 -11.17 10.92
CA TYR B 470 -32.92 -10.02 11.00
C TYR B 470 -34.32 -10.43 11.41
N VAL B 471 -34.85 -11.49 10.81
CA VAL B 471 -36.12 -12.08 11.22
C VAL B 471 -35.85 -13.50 11.72
N GLN B 472 -36.67 -13.93 12.68
CA GLN B 472 -36.43 -15.18 13.42
C GLN B 472 -35.06 -15.16 14.08
N SER B 473 -34.70 -14.00 14.64
CA SER B 473 -33.36 -13.74 15.16
C SER B 473 -32.93 -14.76 16.21
N GLY B 474 -31.91 -15.56 15.88
CA GLY B 474 -31.33 -16.51 16.80
C GLY B 474 -32.01 -17.87 16.84
N ASP B 475 -33.05 -18.09 16.04
CA ASP B 475 -33.81 -19.33 16.06
C ASP B 475 -33.49 -20.12 14.79
N LEU B 476 -32.68 -21.17 14.93
CA LEU B 476 -32.34 -22.01 13.79
C LEU B 476 -33.51 -22.89 13.37
N GLU B 477 -34.23 -23.43 14.36
CA GLU B 477 -35.23 -24.47 14.10
C GLU B 477 -36.33 -23.98 13.17
N THR B 478 -36.67 -22.69 13.22
CA THR B 478 -37.69 -22.15 12.33
C THR B 478 -37.12 -21.44 11.12
N ALA B 479 -35.95 -20.81 11.26
CA ALA B 479 -35.32 -20.18 10.09
C ALA B 479 -34.96 -21.21 9.04
N GLU B 480 -34.67 -22.45 9.45
CA GLU B 480 -34.47 -23.53 8.48
C GLU B 480 -35.74 -23.78 7.69
N LYS B 481 -36.89 -23.82 8.36
CA LYS B 481 -38.15 -24.06 7.65
C LYS B 481 -38.50 -22.91 6.72
N VAL B 482 -38.33 -21.68 7.19
CA VAL B 482 -38.69 -20.52 6.36
C VAL B 482 -37.77 -20.43 5.15
N LEU B 483 -36.47 -20.65 5.36
CA LEU B 483 -35.54 -20.65 4.24
C LEU B 483 -35.87 -21.76 3.25
N GLU B 484 -36.22 -22.94 3.75
CA GLU B 484 -36.54 -24.06 2.87
C GLU B 484 -37.80 -23.76 2.05
N LYS B 485 -38.87 -23.36 2.73
CA LYS B 485 -40.13 -23.06 2.04
C LYS B 485 -39.96 -21.95 1.02
N GLU B 486 -39.29 -20.87 1.41
CA GLU B 486 -39.04 -19.78 0.47
C GLU B 486 -38.23 -20.26 -0.72
N LEU B 487 -37.24 -21.12 -0.49
CA LEU B 487 -36.36 -21.57 -1.57
C LEU B 487 -37.12 -22.43 -2.57
N LEU B 488 -37.71 -23.55 -2.11
CA LEU B 488 -38.42 -24.41 -3.04
C LEU B 488 -39.65 -23.73 -3.62
N ALA B 489 -40.20 -22.72 -2.94
CA ALA B 489 -41.30 -21.94 -3.52
C ALA B 489 -40.79 -21.06 -4.65
N TRP B 490 -39.60 -20.49 -4.51
CA TRP B 490 -38.95 -19.82 -5.64
C TRP B 490 -38.76 -20.79 -6.80
N GLN B 491 -38.23 -21.99 -6.51
CA GLN B 491 -37.98 -22.98 -7.55
C GLN B 491 -39.26 -23.33 -8.30
N GLU B 492 -40.32 -23.69 -7.57
CA GLU B 492 -41.59 -23.99 -8.21
C GLU B 492 -42.20 -22.77 -8.89
N LYS B 493 -41.81 -21.56 -8.47
CA LYS B 493 -42.42 -20.36 -9.01
C LYS B 493 -41.83 -19.98 -10.37
N LEU B 494 -40.51 -19.86 -10.46
CA LEU B 494 -39.89 -19.38 -11.69
C LEU B 494 -39.05 -20.41 -12.42
N HIS B 495 -38.73 -21.54 -11.79
CA HIS B 495 -37.97 -22.62 -12.42
C HIS B 495 -36.66 -22.10 -13.03
N GLN B 496 -35.98 -21.27 -12.27
CA GLN B 496 -34.79 -20.56 -12.70
C GLN B 496 -33.60 -20.97 -11.85
N PRO B 497 -32.38 -20.78 -12.35
CA PRO B 497 -31.20 -20.96 -11.50
C PRO B 497 -31.13 -19.87 -10.44
N ILE B 498 -30.99 -20.28 -9.19
CA ILE B 498 -30.93 -19.35 -8.07
C ILE B 498 -29.57 -19.46 -7.41
N ILE B 499 -28.79 -18.38 -7.47
CA ILE B 499 -27.56 -18.24 -6.72
C ILE B 499 -27.86 -17.41 -5.48
N ILE B 500 -27.46 -17.91 -4.32
CA ILE B 500 -27.54 -17.11 -3.09
C ILE B 500 -26.27 -16.28 -3.05
N THR B 501 -26.41 -14.99 -3.32
CA THR B 501 -25.25 -14.10 -3.41
C THR B 501 -24.92 -13.43 -2.08
N GLU B 502 -25.83 -13.45 -1.11
CA GLU B 502 -25.57 -12.89 0.22
C GLU B 502 -26.22 -13.79 1.26
N TYR B 503 -25.40 -14.40 2.12
CA TYR B 503 -25.92 -15.07 3.32
C TYR B 503 -24.81 -15.06 4.36
N GLY B 504 -25.05 -14.36 5.46
CA GLY B 504 -24.05 -14.24 6.51
C GLY B 504 -24.64 -13.56 7.73
N VAL B 505 -23.91 -13.67 8.84
CA VAL B 505 -24.32 -13.08 10.10
C VAL B 505 -23.13 -12.40 10.72
N ASP B 506 -23.39 -11.35 11.50
CA ASP B 506 -22.32 -10.62 12.16
C ASP B 506 -21.67 -11.47 13.24
N THR B 507 -20.40 -11.19 13.51
CA THR B 507 -19.64 -12.01 14.44
C THR B 507 -18.46 -11.20 14.96
N LEU B 508 -18.39 -11.01 16.29
CA LEU B 508 -17.20 -10.44 16.89
C LEU B 508 -16.06 -11.44 16.82
N ALA B 509 -14.88 -10.94 16.46
CA ALA B 509 -13.76 -11.83 16.17
C ALA B 509 -13.40 -12.70 17.37
N GLY B 510 -13.53 -12.16 18.59
CA GLY B 510 -13.07 -12.88 19.76
C GLY B 510 -14.16 -13.35 20.71
N LEU B 511 -15.41 -13.00 20.41
CA LEU B 511 -16.52 -13.35 21.27
C LEU B 511 -16.85 -14.83 21.15
N HIS B 512 -16.81 -15.52 22.29
CA HIS B 512 -17.17 -16.92 22.35
C HIS B 512 -18.33 -17.10 23.33
N SER B 513 -19.10 -18.16 23.12
CA SER B 513 -20.29 -18.39 23.92
C SER B 513 -20.63 -19.86 23.89
N MET B 514 -20.87 -20.44 25.08
CA MET B 514 -21.23 -21.84 25.17
C MET B 514 -22.62 -22.09 24.58
N TYR B 515 -23.50 -21.10 24.64
CA TYR B 515 -24.88 -21.25 24.19
C TYR B 515 -25.04 -21.05 22.68
N THR B 516 -23.95 -20.73 21.98
CA THR B 516 -23.95 -20.54 20.52
C THR B 516 -25.06 -19.57 20.11
N ASP B 517 -25.13 -18.45 20.80
CA ASP B 517 -26.09 -17.41 20.50
C ASP B 517 -25.44 -16.35 19.60
N MET B 518 -26.24 -15.34 19.24
CA MET B 518 -25.88 -14.42 18.18
C MET B 518 -24.61 -13.63 18.54
N TRP B 519 -23.91 -13.21 17.49
CA TRP B 519 -22.66 -12.44 17.49
C TRP B 519 -21.44 -13.29 17.85
N SER B 520 -21.61 -14.50 18.35
CA SER B 520 -20.49 -15.38 18.65
C SER B 520 -20.08 -16.18 17.43
N GLU B 521 -18.83 -16.64 17.43
CA GLU B 521 -18.32 -17.41 16.30
C GLU B 521 -19.05 -18.74 16.16
N GLU B 522 -19.47 -19.34 17.28
CA GLU B 522 -20.25 -20.57 17.22
C GLU B 522 -21.56 -20.36 16.46
N TYR B 523 -22.17 -19.17 16.59
CA TYR B 523 -23.40 -18.91 15.85
C TYR B 523 -23.14 -18.68 14.37
N GLN B 524 -22.00 -18.10 14.02
CA GLN B 524 -21.66 -17.99 12.61
C GLN B 524 -21.43 -19.37 12.01
N CYS B 525 -20.76 -20.25 12.76
CA CYS B 525 -20.52 -21.61 12.28
C CYS B 525 -21.84 -22.38 12.12
N ALA B 526 -22.64 -22.43 13.19
CA ALA B 526 -23.88 -23.19 13.15
C ALA B 526 -24.90 -22.57 12.21
N TRP B 527 -24.81 -21.25 11.98
CA TRP B 527 -25.75 -20.58 11.09
C TRP B 527 -25.36 -20.76 9.63
N LEU B 528 -24.06 -20.79 9.33
CA LEU B 528 -23.62 -21.10 7.98
C LEU B 528 -23.88 -22.56 7.64
N ASP B 529 -24.01 -23.43 8.64
CA ASP B 529 -24.17 -24.86 8.38
C ASP B 529 -25.60 -25.20 7.97
N MET B 530 -26.59 -24.76 8.76
CA MET B 530 -27.98 -25.02 8.43
C MET B 530 -28.33 -24.50 7.04
N TYR B 531 -27.89 -23.27 6.73
CA TYR B 531 -28.06 -22.73 5.39
C TYR B 531 -27.48 -23.64 4.32
N HIS B 532 -26.40 -24.36 4.64
CA HIS B 532 -25.78 -25.24 3.67
C HIS B 532 -26.53 -26.55 3.50
N ARG B 533 -27.19 -27.03 4.56
CA ARG B 533 -28.04 -28.22 4.41
C ARG B 533 -29.27 -27.88 3.57
N VAL B 534 -29.95 -26.79 3.91
CA VAL B 534 -31.09 -26.34 3.11
C VAL B 534 -30.65 -26.07 1.68
N PHE B 535 -29.42 -25.56 1.51
CA PHE B 535 -28.86 -25.42 0.16
C PHE B 535 -28.74 -26.78 -0.50
N ASP B 536 -28.36 -27.81 0.27
CA ASP B 536 -28.07 -29.11 -0.32
C ASP B 536 -29.33 -29.84 -0.74
N ARG B 537 -30.46 -29.60 -0.07
CA ARG B 537 -31.70 -30.26 -0.44
C ARG B 537 -32.54 -29.46 -1.44
N VAL B 538 -31.95 -28.53 -2.18
CA VAL B 538 -32.67 -27.75 -3.18
C VAL B 538 -31.93 -27.87 -4.50
N SER B 539 -32.65 -28.32 -5.53
CA SER B 539 -32.03 -28.61 -6.82
C SER B 539 -31.72 -27.35 -7.62
N ALA B 540 -32.44 -26.26 -7.38
CA ALA B 540 -32.28 -25.05 -8.19
C ALA B 540 -31.14 -24.16 -7.73
N VAL B 541 -30.59 -24.39 -6.54
CA VAL B 541 -29.51 -23.55 -6.03
C VAL B 541 -28.23 -23.89 -6.79
N VAL B 542 -27.79 -22.98 -7.66
CA VAL B 542 -26.61 -23.21 -8.48
C VAL B 542 -25.37 -22.56 -7.88
N GLY B 543 -25.39 -22.27 -6.59
CA GLY B 543 -24.20 -21.72 -5.98
C GLY B 543 -24.50 -21.03 -4.67
N GLU B 544 -23.44 -20.87 -3.87
CA GLU B 544 -23.48 -20.18 -2.60
C GLU B 544 -22.32 -19.20 -2.53
N GLN B 545 -22.58 -18.02 -1.97
CA GLN B 545 -21.54 -17.03 -1.72
C GLN B 545 -21.82 -16.43 -0.35
N VAL B 546 -21.07 -16.87 0.66
CA VAL B 546 -21.17 -16.25 1.98
C VAL B 546 -21.03 -14.75 1.82
N TRP B 547 -21.79 -14.00 2.62
CA TRP B 547 -21.96 -12.57 2.34
C TRP B 547 -20.61 -11.89 2.12
N ASN B 548 -19.86 -11.60 3.18
CA ASN B 548 -18.66 -10.81 2.98
C ASN B 548 -17.40 -11.58 3.32
N PHE B 549 -16.38 -11.38 2.49
CA PHE B 549 -15.08 -11.97 2.70
C PHE B 549 -14.46 -11.45 3.99
N ALA B 550 -14.38 -10.14 4.15
CA ALA B 550 -13.75 -9.54 5.31
C ALA B 550 -14.62 -8.41 5.84
N ASP B 551 -14.53 -8.18 7.15
CA ASP B 551 -15.22 -7.05 7.76
C ASP B 551 -14.80 -5.75 7.08
N PHE B 552 -15.76 -4.84 6.93
CA PHE B 552 -15.56 -3.65 6.10
C PHE B 552 -16.26 -2.46 6.74
N ALA B 553 -15.87 -1.26 6.31
CA ALA B 553 -16.31 -0.01 6.92
C ALA B 553 -17.65 0.44 6.34
N THR B 554 -18.55 0.86 7.22
CA THR B 554 -19.88 1.35 6.85
C THR B 554 -20.12 2.68 7.56
N SER B 555 -21.24 3.32 7.23
CA SER B 555 -21.64 4.53 7.92
C SER B 555 -22.00 4.23 9.37
N GLN B 556 -22.14 5.29 10.17
CA GLN B 556 -22.39 5.12 11.59
C GLN B 556 -23.86 4.79 11.84
N GLY B 557 -24.10 3.67 12.52
CA GLY B 557 -25.44 3.26 12.91
C GLY B 557 -25.36 2.44 14.17
N ILE B 558 -26.53 2.24 14.80
CA ILE B 558 -26.59 1.42 16.00
C ILE B 558 -26.60 -0.07 15.69
N LEU B 559 -26.57 -0.45 14.41
CA LEU B 559 -26.48 -1.84 14.02
C LEU B 559 -25.09 -2.23 13.53
N ARG B 560 -24.17 -1.28 13.44
CA ARG B 560 -22.82 -1.52 12.94
C ARG B 560 -21.84 -1.29 14.08
N VAL B 561 -21.15 -2.34 14.50
CA VAL B 561 -20.19 -2.25 15.62
C VAL B 561 -18.83 -2.00 14.99
N GLY B 562 -18.59 -0.74 14.64
CA GLY B 562 -17.37 -0.39 13.93
C GLY B 562 -17.34 -1.03 12.56
N GLY B 563 -18.41 -0.86 11.81
CA GLY B 563 -18.51 -1.44 10.49
C GLY B 563 -19.34 -2.72 10.49
N ASN B 564 -19.36 -3.36 9.33
CA ASN B 564 -20.11 -4.60 9.14
C ASN B 564 -19.23 -5.77 9.56
N LYS B 565 -19.71 -6.55 10.53
CA LYS B 565 -18.97 -7.67 11.10
C LYS B 565 -19.37 -9.02 10.50
N LYS B 566 -20.01 -9.01 9.33
CA LYS B 566 -20.46 -10.24 8.69
C LYS B 566 -19.39 -10.94 7.88
N GLY B 567 -18.12 -10.68 8.18
CA GLY B 567 -17.04 -11.26 7.41
C GLY B 567 -16.53 -12.57 8.00
N ILE B 568 -16.11 -13.46 7.09
CA ILE B 568 -15.42 -14.68 7.53
C ILE B 568 -14.05 -14.34 8.08
N PHE B 569 -13.40 -13.32 7.53
CA PHE B 569 -12.15 -12.78 8.05
C PHE B 569 -12.40 -11.40 8.63
N THR B 570 -11.48 -10.97 9.50
CA THR B 570 -11.53 -9.61 10.02
C THR B 570 -10.99 -8.63 8.98
N ARG B 571 -10.90 -7.36 9.36
CA ARG B 571 -10.46 -6.35 8.40
C ARG B 571 -8.97 -6.48 8.09
N ASP B 572 -8.15 -6.80 9.10
CA ASP B 572 -6.74 -7.08 8.86
C ASP B 572 -6.50 -8.50 8.36
N ARG B 573 -7.55 -9.17 7.89
CA ARG B 573 -7.47 -10.47 7.22
C ARG B 573 -7.02 -11.58 8.17
N LYS B 574 -7.73 -11.70 9.30
CA LYS B 574 -7.49 -12.76 10.26
C LYS B 574 -8.75 -13.62 10.40
N PRO B 575 -8.62 -14.95 10.43
CA PRO B 575 -9.79 -15.81 10.25
C PRO B 575 -10.62 -15.96 11.51
N LYS B 576 -11.94 -16.00 11.32
CA LYS B 576 -12.85 -16.37 12.39
C LYS B 576 -13.06 -17.89 12.36
N SER B 577 -13.86 -18.40 13.31
CA SER B 577 -14.03 -19.84 13.41
C SER B 577 -14.69 -20.44 12.17
N ALA B 578 -15.37 -19.62 11.37
CA ALA B 578 -16.06 -20.12 10.19
C ALA B 578 -15.15 -20.32 8.99
N ALA B 579 -13.96 -19.70 9.00
CA ALA B 579 -13.07 -19.80 7.84
C ALA B 579 -12.62 -21.24 7.63
N PHE B 580 -12.34 -21.97 8.71
CA PHE B 580 -11.93 -23.36 8.59
C PHE B 580 -13.10 -24.28 8.30
N LEU B 581 -14.29 -23.95 8.80
CA LEU B 581 -15.49 -24.67 8.40
C LEU B 581 -15.70 -24.61 6.90
N LEU B 582 -15.66 -23.40 6.34
CA LEU B 582 -15.87 -23.25 4.91
C LEU B 582 -14.70 -23.82 4.10
N GLN B 583 -13.49 -23.74 4.64
CA GLN B 583 -12.36 -24.39 3.96
C GLN B 583 -12.53 -25.89 3.94
N LYS B 584 -13.18 -26.47 4.96
CA LYS B 584 -13.46 -27.90 4.93
C LYS B 584 -14.58 -28.23 3.97
N ARG B 585 -15.59 -27.36 3.88
CA ARG B 585 -16.74 -27.65 3.03
C ARG B 585 -16.39 -27.52 1.55
N TRP B 586 -15.73 -26.44 1.16
CA TRP B 586 -15.55 -26.16 -0.26
C TRP B 586 -14.45 -27.00 -0.89
N THR B 587 -13.38 -27.31 -0.15
CA THR B 587 -12.35 -28.18 -0.69
C THR B 587 -12.65 -29.66 -0.49
N GLY B 588 -13.59 -30.00 0.39
CA GLY B 588 -13.98 -31.38 0.56
C GLY B 588 -14.87 -31.89 -0.55
N MET B 589 -15.59 -31.01 -1.22
CA MET B 589 -16.40 -31.35 -2.38
C MET B 589 -15.55 -31.28 -3.64
N ASN B 590 -16.06 -31.89 -4.71
CA ASN B 590 -15.36 -31.86 -5.99
C ASN B 590 -15.55 -30.51 -6.66
N PHE B 591 -14.49 -30.04 -7.31
CA PHE B 591 -14.50 -28.70 -7.91
C PHE B 591 -15.57 -28.60 -8.98
N GLY B 592 -16.39 -27.54 -8.89
CA GLY B 592 -17.44 -27.30 -9.84
C GLY B 592 -18.68 -28.17 -9.69
N GLU B 593 -18.74 -29.00 -8.65
CA GLU B 593 -19.85 -29.90 -8.43
C GLU B 593 -20.56 -29.58 -7.12
N LYS B 594 -21.87 -29.77 -7.12
CA LYS B 594 -22.70 -29.63 -5.92
C LYS B 594 -22.93 -31.00 -5.28
N PRO B 595 -22.99 -31.06 -3.95
CA PRO B 595 -23.24 -32.36 -3.29
C PRO B 595 -24.60 -32.93 -3.68
N GLN B 596 -24.63 -34.25 -3.85
CA GLN B 596 -25.85 -34.95 -4.24
C GLN B 596 -26.85 -35.01 -3.08
N GLN B 597 -27.31 -33.83 -2.64
CA GLN B 597 -28.16 -33.70 -1.45
C GLN B 597 -27.46 -34.21 -0.19
N GLY B 598 -26.14 -34.04 -0.14
CA GLY B 598 -25.36 -34.49 1.00
C GLY B 598 -23.98 -35.00 0.62
C2 E9O C . 15.71 -3.46 21.85
C3 E9O C . 14.37 -3.28 21.16
O3 E9O C . 14.50 -3.52 19.75
N E9O C . 15.59 -3.31 23.31
C7 E9O C . 14.65 -4.30 23.87
C5 E9O C . 13.27 -4.03 23.26
C6 E9O C . 12.19 -4.89 23.83
O62 E9O C . 12.36 -6.12 23.94
C4 E9O C . 13.35 -4.24 21.76
O4 E9O C . 12.05 -4.06 21.18
O61 E9O C . 11.12 -4.33 24.17
C8 E9O C . 14.63 -4.23 25.39
C9 E9O C . 15.88 -4.86 26.03
C10 E9O C . 15.56 -5.25 27.47
C1 E9O C . 16.80 -5.64 28.27
C11 E9O C . 16.38 -5.92 29.72
C12 E9O C . 17.57 -5.97 30.67
C13 E9O C . 18.29 -7.33 30.63
C14 E9O C . 19.12 -7.54 31.89
C15 E9O C . 19.92 -8.82 31.80
C2 E9O D . -26.48 -4.79 1.40
C3 E9O D . -25.20 -5.30 2.06
O3 E9O D . -24.11 -4.43 1.74
N E9O D . -27.57 -5.74 1.72
C7 E9O D . -27.85 -5.77 3.17
C5 E9O D . -26.60 -6.18 3.96
C6 E9O D . -26.74 -6.04 5.45
O62 E9O D . -25.71 -5.76 6.11
C4 E9O D . -25.39 -5.35 3.56
O4 E9O D . -24.20 -5.88 4.17
O61 E9O D . -27.83 -6.21 6.03
C8 E9O D . -29.01 -6.74 3.37
C9 E9O D . -30.21 -6.06 4.02
C10 E9O D . -31.19 -7.08 4.55
C1 E9O D . -32.16 -6.44 5.55
C11 E9O D . -33.28 -7.41 5.91
C12 E9O D . -34.34 -6.73 6.76
C13 E9O D . -35.57 -7.62 6.91
C14 E9O D . -36.12 -8.05 5.56
C15 E9O D . -37.36 -8.89 5.70
#